data_2HAY
#
_entry.id   2HAY
#
_cell.length_a   60.205
_cell.length_b   91.874
_cell.length_c   175.693
_cell.angle_alpha   90.00
_cell.angle_beta   90.00
_cell.angle_gamma   90.00
#
_symmetry.space_group_name_H-M   'P 21 21 21'
#
loop_
_entity.id
_entity.type
_entity.pdbx_description
1 polymer 'Putative NAD(P)H-flavin oxidoreductase'
2 non-polymer 'SULFATE ION'
3 non-polymer 'FLAVIN MONONUCLEOTIDE'
4 water water
#
_entity_poly.entity_id   1
_entity_poly.type   'polypeptide(L)'
_entity_poly.pdbx_seq_one_letter_code
;SNA(MSE)DQTIHHQIQQALHFRTAVRVYKEEKISDEDLALILDAAWLSPSSIGLEGWRFVVLDNKPIKEEIKPFAWGAQ
YQLETASHFILLIAEKHARYDSPAIKNSLLRRGIKEGDGLNSRLKLYESFQKED(MSE)D(MSE)ADNPRALFDWTAKQT
YIALGN(MSE)(MSE)(MSE)TAALLGIDTCPIEGFHYDKVNHILAKHNVIDLEKEGIAS(MSE)LSLGYRLRDPKHAQV
RKPKEEV(MSE)SVVK
;
_entity_poly.pdbx_strand_id   A,B,C,D
#
loop_
_chem_comp.id
_chem_comp.type
_chem_comp.name
_chem_comp.formula
FMN non-polymer 'FLAVIN MONONUCLEOTIDE' 'C17 H21 N4 O9 P'
SO4 non-polymer 'SULFATE ION' 'O4 S -2'
#
# COMPACT_ATOMS: atom_id res chain seq x y z
N ILE A 8 1.92 8.27 -6.73
CA ILE A 8 2.28 8.48 -5.29
C ILE A 8 3.21 9.69 -5.11
N HIS A 9 4.04 9.97 -6.10
CA HIS A 9 4.94 11.12 -6.06
C HIS A 9 4.23 12.46 -5.97
N HIS A 10 3.27 12.63 -6.85
CA HIS A 10 2.50 13.85 -6.94
C HIS A 10 1.70 14.03 -5.66
N GLN A 11 1.14 12.94 -5.16
CA GLN A 11 0.40 12.91 -3.89
C GLN A 11 1.27 13.32 -2.69
N ILE A 12 2.44 12.69 -2.55
CA ILE A 12 3.37 13.07 -1.48
C ILE A 12 3.76 14.56 -1.59
N GLN A 13 4.14 14.97 -2.80
CA GLN A 13 4.54 16.35 -3.07
C GLN A 13 3.41 17.33 -2.73
N GLN A 14 2.17 16.93 -3.01
CA GLN A 14 1.00 17.71 -2.65
C GLN A 14 0.89 17.84 -1.13
N ALA A 15 1.12 16.75 -0.40
CA ALA A 15 1.07 16.78 1.07
C ALA A 15 2.16 17.67 1.67
N LEU A 16 3.34 17.67 1.04
CA LEU A 16 4.51 18.44 1.54
C LEU A 16 4.28 19.93 1.41
N HIS A 17 3.59 20.31 0.35
CA HIS A 17 3.27 21.71 0.11
C HIS A 17 2.00 22.21 0.79
N PHE A 18 1.06 21.29 1.01
CA PHE A 18 -0.12 21.54 1.83
C PHE A 18 0.23 21.79 3.31
N ARG A 19 1.10 20.99 3.92
CA ARG A 19 1.38 21.20 5.34
C ARG A 19 2.03 22.58 5.56
N THR A 20 1.37 23.41 6.36
CA THR A 20 1.89 24.68 6.81
C THR A 20 1.56 24.83 8.31
N ALA A 21 2.30 25.67 9.01
CA ALA A 21 1.99 25.92 10.42
C ALA A 21 0.78 26.87 10.50
N VAL A 22 -0.42 26.36 10.76
CA VAL A 22 -1.57 27.25 10.83
C VAL A 22 -1.91 27.57 12.29
N ARG A 23 -2.23 28.83 12.55
N ARG A 23 -2.20 28.85 12.53
CA ARG A 23 -2.49 29.27 13.91
CA ARG A 23 -2.49 29.39 13.86
C ARG A 23 -3.98 29.40 14.19
C ARG A 23 -3.98 29.29 14.14
N VAL A 24 -4.77 29.69 13.15
CA VAL A 24 -6.21 29.89 13.30
C VAL A 24 -6.97 28.88 12.48
N TYR A 25 -7.87 28.16 13.16
CA TYR A 25 -8.67 27.09 12.59
C TYR A 25 -10.15 27.43 12.51
N LYS A 26 -10.83 26.70 11.61
CA LYS A 26 -12.28 26.60 11.52
C LYS A 26 -12.84 25.96 12.77
N GLU A 27 -14.14 26.17 13.00
CA GLU A 27 -14.86 25.46 14.07
C GLU A 27 -14.99 23.96 13.79
N GLU A 28 -15.19 23.59 12.52
CA GLU A 28 -15.21 22.20 12.03
C GLU A 28 -14.24 21.25 12.73
N LYS A 29 -14.78 20.18 13.30
N LYS A 29 -14.80 20.19 13.30
CA LYS A 29 -14.00 19.22 14.04
CA LYS A 29 -14.04 19.18 14.04
C LYS A 29 -13.54 18.06 13.17
C LYS A 29 -13.52 18.10 13.10
N ILE A 30 -12.35 17.56 13.45
CA ILE A 30 -11.77 16.40 12.81
C ILE A 30 -12.60 15.20 13.23
N SER A 31 -12.91 14.30 12.30
CA SER A 31 -13.60 13.07 12.67
C SER A 31 -12.76 12.22 13.63
N ASP A 32 -13.45 11.39 14.40
CA ASP A 32 -12.83 10.43 15.32
C ASP A 32 -11.99 9.40 14.59
N GLU A 33 -12.40 9.05 13.37
N GLU A 33 -12.43 9.03 13.38
CA GLU A 33 -11.63 8.08 12.58
CA GLU A 33 -11.68 8.12 12.51
C GLU A 33 -10.34 8.68 12.03
C GLU A 33 -10.35 8.71 12.11
N ASP A 34 -10.38 9.94 11.60
CA ASP A 34 -9.18 10.64 11.14
C ASP A 34 -8.23 10.87 12.34
N LEU A 35 -8.79 11.25 13.48
CA LEU A 35 -8.00 11.47 14.68
C LEU A 35 -7.29 10.19 15.14
N ALA A 36 -8.00 9.07 15.11
CA ALA A 36 -7.45 7.77 15.48
C ALA A 36 -6.26 7.32 14.60
N LEU A 37 -6.36 7.63 13.30
CA LEU A 37 -5.34 7.33 12.33
C LEU A 37 -4.06 8.10 12.62
N ILE A 38 -4.22 9.39 12.88
CA ILE A 38 -3.13 10.27 13.28
C ILE A 38 -2.38 9.76 14.52
N LEU A 39 -3.12 9.35 15.56
CA LEU A 39 -2.55 8.83 16.80
C LEU A 39 -1.88 7.43 16.65
N ASP A 40 -2.43 6.62 15.77
CA ASP A 40 -1.81 5.37 15.35
C ASP A 40 -0.43 5.64 14.75
N ALA A 41 -0.29 6.70 13.95
CA ALA A 41 0.99 7.05 13.37
C ALA A 41 2.04 7.43 14.44
N ALA A 42 1.57 8.11 15.48
CA ALA A 42 2.40 8.40 16.66
C ALA A 42 2.77 7.10 17.37
N TRP A 43 1.76 6.28 17.70
CA TRP A 43 1.96 5.05 18.49
C TRP A 43 2.86 4.01 17.82
N LEU A 44 2.79 3.94 16.48
CA LEU A 44 3.59 2.99 15.71
C LEU A 44 4.94 3.54 15.27
N SER A 45 5.20 4.79 15.63
CA SER A 45 6.52 5.40 15.33
C SER A 45 7.62 4.61 15.98
N PRO A 46 8.81 4.60 15.36
CA PRO A 46 9.95 3.94 15.96
C PRO A 46 10.59 4.86 17.02
N SER A 47 11.09 4.28 18.11
CA SER A 47 11.79 5.08 19.11
C SER A 47 13.11 4.37 19.34
N SER A 48 14.15 5.14 19.64
CA SER A 48 15.47 4.57 19.88
C SER A 48 15.37 3.50 20.98
N ILE A 49 16.04 2.36 20.73
CA ILE A 49 16.02 1.13 21.56
C ILE A 49 14.63 0.56 21.89
N GLY A 50 13.61 1.01 21.16
CA GLY A 50 12.22 0.57 21.39
C GLY A 50 11.68 0.92 22.76
N LEU A 51 12.16 2.03 23.32
CA LEU A 51 11.84 2.39 24.71
C LEU A 51 10.38 2.82 24.78
N GLU A 52 9.92 3.51 23.74
CA GLU A 52 8.57 4.10 23.75
C GLU A 52 8.35 4.88 25.03
N GLY A 53 9.35 5.65 25.45
CA GLY A 53 9.20 6.49 26.63
C GLY A 53 8.44 7.77 26.28
N TRP A 54 7.17 7.64 25.95
CA TRP A 54 6.43 8.78 25.43
C TRP A 54 4.97 8.56 25.62
N ARG A 55 4.21 9.63 25.56
CA ARG A 55 2.75 9.49 25.64
C ARG A 55 2.19 10.62 24.79
N PHE A 56 0.99 10.40 24.26
CA PHE A 56 0.37 11.39 23.40
C PHE A 56 -1.02 11.59 23.97
N VAL A 57 -1.29 12.82 24.39
CA VAL A 57 -2.48 13.11 25.17
C VAL A 57 -3.33 14.09 24.40
N VAL A 58 -4.56 13.71 24.14
CA VAL A 58 -5.53 14.61 23.53
C VAL A 58 -6.12 15.47 24.63
N LEU A 59 -5.86 16.78 24.57
CA LEU A 59 -6.34 17.69 25.59
C LEU A 59 -7.63 18.34 25.11
N ASP A 60 -8.76 17.74 25.46
CA ASP A 60 -10.06 18.31 25.14
C ASP A 60 -10.56 19.26 26.24
N ASN A 61 -10.04 19.09 27.45
CA ASN A 61 -10.46 19.87 28.60
C ASN A 61 -10.19 21.34 28.40
N LYS A 62 -11.26 22.13 28.37
CA LYS A 62 -11.16 23.57 28.04
C LYS A 62 -10.59 24.42 29.18
N PRO A 63 -10.99 24.17 30.45
CA PRO A 63 -10.31 24.90 31.51
C PRO A 63 -8.79 24.73 31.57
N ILE A 64 -8.27 23.53 31.33
CA ILE A 64 -6.82 23.32 31.34
C ILE A 64 -6.14 24.13 30.22
N LYS A 65 -6.77 24.14 29.04
CA LYS A 65 -6.31 24.95 27.93
C LYS A 65 -6.24 26.43 28.31
N GLU A 66 -7.29 26.90 28.98
CA GLU A 66 -7.34 28.28 29.46
C GLU A 66 -6.21 28.61 30.44
N GLU A 67 -5.87 27.66 31.31
CA GLU A 67 -4.77 27.84 32.26
C GLU A 67 -3.42 27.91 31.59
N ILE A 68 -3.23 27.07 30.57
CA ILE A 68 -1.99 27.02 29.81
C ILE A 68 -1.78 28.29 28.97
N LYS A 69 -2.86 28.80 28.40
CA LYS A 69 -2.79 29.93 27.48
C LYS A 69 -1.86 31.10 27.86
N PRO A 70 -2.00 31.69 29.07
CA PRO A 70 -1.10 32.81 29.35
C PRO A 70 0.40 32.44 29.37
N PHE A 71 0.74 31.15 29.42
CA PHE A 71 2.14 30.75 29.44
C PHE A 71 2.61 30.20 28.10
N ALA A 72 1.77 30.35 27.08
CA ALA A 72 2.00 29.69 25.80
C ALA A 72 1.98 30.67 24.62
N TRP A 73 2.97 31.55 24.55
CA TRP A 73 3.07 32.56 23.49
C TRP A 73 2.90 32.05 22.06
N GLY A 74 3.38 30.85 21.77
CA GLY A 74 3.30 30.31 20.44
C GLY A 74 2.02 29.54 20.20
N ALA A 75 1.13 29.47 21.19
CA ALA A 75 -0.06 28.62 21.03
C ALA A 75 -1.41 29.29 21.30
N GLN A 76 -1.45 30.61 21.38
N GLN A 76 -1.51 30.60 21.31
CA GLN A 76 -2.68 31.32 21.75
CA GLN A 76 -2.75 31.21 21.80
C GLN A 76 -3.85 30.92 20.84
C GLN A 76 -3.98 31.18 20.87
N TYR A 77 -3.76 31.26 19.56
CA TYR A 77 -4.84 31.07 18.59
C TYR A 77 -5.16 29.59 18.37
N GLN A 78 -4.13 28.75 18.44
N GLN A 78 -4.11 28.76 18.45
CA GLN A 78 -4.31 27.33 18.27
CA GLN A 78 -4.24 27.33 18.28
C GLN A 78 -5.08 26.72 19.45
C GLN A 78 -5.03 26.72 19.44
N LEU A 79 -4.72 27.12 20.67
CA LEU A 79 -5.48 26.65 21.86
C LEU A 79 -6.94 27.10 21.81
N GLU A 80 -7.16 28.31 21.32
CA GLU A 80 -8.49 28.85 21.11
C GLU A 80 -9.33 28.10 20.07
N THR A 81 -8.75 27.84 18.89
CA THR A 81 -9.55 27.46 17.70
C THR A 81 -9.38 26.02 17.18
N ALA A 82 -8.30 25.35 17.53
CA ALA A 82 -8.03 24.03 16.97
C ALA A 82 -9.10 23.01 17.31
N SER A 83 -9.43 22.17 16.34
CA SER A 83 -10.31 21.04 16.57
C SER A 83 -9.80 20.20 17.71
N HIS A 84 -8.52 19.82 17.66
CA HIS A 84 -7.90 18.95 18.69
C HIS A 84 -6.49 19.44 19.00
N PHE A 85 -6.07 19.18 20.23
CA PHE A 85 -4.81 19.67 20.70
C PHE A 85 -4.11 18.52 21.37
N ILE A 86 -2.92 18.20 20.90
CA ILE A 86 -2.21 17.03 21.41
C ILE A 86 -0.98 17.45 22.18
N LEU A 87 -0.80 16.88 23.38
CA LEU A 87 0.43 17.05 24.14
C LEU A 87 1.36 15.85 23.95
N LEU A 88 2.62 16.12 23.68
CA LEU A 88 3.64 15.08 23.47
C LEU A 88 4.51 15.04 24.73
N ILE A 89 4.45 13.93 25.44
CA ILE A 89 5.14 13.78 26.73
C ILE A 89 6.28 12.77 26.56
N ALA A 90 7.43 13.05 27.17
CA ALA A 90 8.62 12.18 27.11
C ALA A 90 9.03 11.81 28.52
N GLU A 91 9.59 10.60 28.69
CA GLU A 91 9.99 10.12 30.01
C GLU A 91 11.27 10.77 30.51
N LYS A 92 11.31 11.07 31.81
CA LYS A 92 12.52 11.56 32.44
C LYS A 92 13.34 10.40 32.95
N HIS A 93 14.63 10.66 33.19
CA HIS A 93 15.53 9.72 33.87
C HIS A 93 15.53 8.33 33.26
N ALA A 94 15.45 8.24 31.93
CA ALA A 94 15.44 6.94 31.25
C ALA A 94 16.87 6.46 31.09
N ARG A 95 17.48 6.20 32.24
CA ARG A 95 18.90 5.84 32.29
C ARG A 95 18.98 4.33 32.10
N TYR A 96 20.13 3.84 31.63
CA TYR A 96 20.32 2.42 31.36
C TYR A 96 19.93 1.47 32.49
N ASP A 97 20.04 1.94 33.74
CA ASP A 97 19.76 1.12 34.92
C ASP A 97 18.36 1.40 35.48
N SER A 98 17.51 2.03 34.66
CA SER A 98 16.15 2.38 35.08
C SER A 98 15.15 1.25 34.77
N PRO A 99 14.04 1.17 35.56
CA PRO A 99 12.90 0.30 35.22
C PRO A 99 12.39 0.51 33.78
N ALA A 100 12.23 1.76 33.36
CA ALA A 100 11.81 2.00 31.97
C ALA A 100 12.60 1.14 30.98
N ILE A 101 13.92 1.23 31.04
CA ILE A 101 14.80 0.47 30.15
C ILE A 101 14.70 -1.03 30.45
N LYS A 102 14.68 -1.38 31.73
CA LYS A 102 14.50 -2.77 32.14
C LYS A 102 13.24 -3.34 31.46
N ASN A 103 12.15 -2.58 31.54
CA ASN A 103 10.85 -2.99 31.01
C ASN A 103 10.76 -3.07 29.48
N SER A 104 11.54 -2.25 28.76
CA SER A 104 11.56 -2.31 27.29
C SER A 104 12.15 -3.63 26.73
N LEU A 105 13.08 -4.22 27.48
CA LEU A 105 13.67 -5.49 27.08
C LEU A 105 12.69 -6.66 27.22
N LEU A 106 12.12 -6.83 28.43
CA LEU A 106 11.05 -7.79 28.68
C LEU A 106 9.95 -7.72 27.60
N ARG A 107 9.27 -6.57 27.50
CA ARG A 107 8.33 -6.30 26.41
C ARG A 107 8.69 -6.95 25.05
N ARG A 108 9.97 -6.86 24.70
N ARG A 108 9.97 -6.87 24.67
CA ARG A 108 10.50 -7.32 23.42
CA ARG A 108 10.42 -7.36 23.37
C ARG A 108 10.86 -8.82 23.41
C ARG A 108 10.74 -8.87 23.37
N GLY A 109 10.68 -9.48 24.56
CA GLY A 109 10.98 -10.90 24.71
C GLY A 109 12.43 -11.23 25.07
N ILE A 110 13.11 -10.29 25.72
CA ILE A 110 14.48 -10.49 26.24
C ILE A 110 14.39 -10.78 27.75
N LYS A 111 15.24 -11.68 28.27
CA LYS A 111 14.96 -12.31 29.57
C LYS A 111 16.11 -12.46 30.58
N GLU A 112 16.93 -13.50 30.38
CA GLU A 112 17.82 -14.09 31.41
C GLU A 112 18.45 -13.13 32.42
N GLY A 113 19.12 -12.11 31.88
CA GLY A 113 20.17 -11.36 32.60
C GLY A 113 21.53 -11.73 32.05
N ASP A 114 21.52 -12.45 30.92
CA ASP A 114 22.72 -12.83 30.19
C ASP A 114 22.45 -12.56 28.72
N GLY A 115 21.17 -12.44 28.40
CA GLY A 115 20.72 -11.80 27.17
C GLY A 115 20.16 -10.41 27.47
N LEU A 116 19.66 -10.23 28.71
CA LEU A 116 19.12 -8.95 29.18
C LEU A 116 20.18 -8.09 29.86
N ASN A 117 20.94 -8.66 30.80
CA ASN A 117 22.03 -7.91 31.43
C ASN A 117 23.16 -7.66 30.44
N SER A 118 23.22 -8.49 29.40
CA SER A 118 24.12 -8.27 28.28
C SER A 118 23.81 -6.99 27.52
N ARG A 119 22.56 -6.85 27.08
CA ARG A 119 22.17 -5.66 26.29
C ARG A 119 22.14 -4.41 27.17
N LEU A 120 21.85 -4.59 28.46
CA LEU A 120 21.98 -3.55 29.46
C LEU A 120 23.41 -3.03 29.59
N LYS A 121 24.37 -3.92 29.38
CA LYS A 121 25.78 -3.56 29.33
C LYS A 121 26.00 -2.62 28.13
N LEU A 122 25.47 -3.00 26.97
CA LEU A 122 25.51 -2.15 25.77
C LEU A 122 24.81 -0.81 25.96
N TYR A 123 23.68 -0.79 26.66
CA TYR A 123 22.94 0.46 26.84
C TYR A 123 23.68 1.42 27.79
N GLU A 124 24.47 0.85 28.70
CA GLU A 124 25.28 1.61 29.65
C GLU A 124 26.41 2.33 28.89
N SER A 125 27.06 1.57 28.02
CA SER A 125 28.08 2.03 27.08
C SER A 125 27.51 3.10 26.14
N PHE A 126 26.31 2.85 25.64
CA PHE A 126 25.58 3.76 24.73
C PHE A 126 25.30 5.14 25.33
N GLN A 127 24.79 5.17 26.56
CA GLN A 127 24.57 6.41 27.29
C GLN A 127 25.82 7.03 27.91
N LYS A 128 26.73 6.21 28.47
CA LYS A 128 27.97 6.76 29.04
C LYS A 128 28.94 7.32 27.99
N GLU A 129 29.15 6.59 26.88
CA GLU A 129 30.23 6.91 25.93
C GLU A 129 29.69 7.45 24.62
N ASP A 130 28.87 6.63 23.94
CA ASP A 130 28.36 6.95 22.61
C ASP A 130 27.63 8.30 22.55
N MSE A 131 26.64 8.50 23.41
CA MSE A 131 25.84 9.73 23.43
C MSE A 131 26.15 10.67 24.62
O MSE A 131 25.57 11.76 24.71
CB MSE A 131 24.32 9.44 23.41
CG MSE A 131 23.80 8.75 22.12
SE MSE A 131 22.04 9.41 21.65
CE MSE A 131 22.63 11.23 21.36
N ASP A 132 27.02 10.23 25.53
CA ASP A 132 27.64 11.10 26.52
C ASP A 132 26.56 11.84 27.34
N MSE A 133 25.64 11.08 27.94
CA MSE A 133 24.44 11.67 28.54
C MSE A 133 23.97 10.99 29.84
O MSE A 133 23.05 11.49 30.50
CB MSE A 133 23.29 11.66 27.53
CG MSE A 133 22.66 10.29 27.34
SE MSE A 133 21.33 10.28 25.96
CE MSE A 133 21.03 8.40 25.79
N ALA A 134 24.59 9.87 30.21
CA ALA A 134 24.10 9.01 31.30
C ALA A 134 23.95 9.73 32.62
N ASP A 135 24.84 10.68 32.86
CA ASP A 135 24.98 11.37 34.14
C ASP A 135 24.51 12.83 34.06
N ASN A 136 23.67 13.07 33.06
CA ASN A 136 23.12 14.38 32.74
C ASN A 136 21.60 14.21 32.49
N PRO A 137 20.78 14.37 33.55
CA PRO A 137 19.31 14.21 33.45
C PRO A 137 18.63 15.07 32.37
N ARG A 138 19.07 16.32 32.20
CA ARG A 138 18.56 17.18 31.11
C ARG A 138 18.82 16.52 29.73
N ALA A 139 20.03 15.97 29.53
CA ALA A 139 20.36 15.29 28.28
C ALA A 139 19.60 13.97 28.08
N LEU A 140 19.38 13.20 29.15
CA LEU A 140 18.48 12.04 29.11
C LEU A 140 17.05 12.42 28.79
N PHE A 141 16.55 13.51 29.38
CA PHE A 141 15.23 14.01 29.01
C PHE A 141 15.20 14.47 27.56
N ASP A 142 16.21 15.23 27.15
CA ASP A 142 16.26 15.72 25.76
C ASP A 142 16.33 14.56 24.73
N TRP A 143 16.97 13.44 25.11
CA TRP A 143 16.99 12.23 24.30
C TRP A 143 15.62 11.54 24.10
N THR A 144 14.87 11.34 25.18
CA THR A 144 13.48 10.84 25.03
C THR A 144 12.61 11.84 24.31
N ALA A 145 12.80 13.13 24.58
CA ALA A 145 12.08 14.17 23.88
C ALA A 145 12.30 14.15 22.34
N LYS A 146 13.52 13.90 21.89
CA LYS A 146 13.86 13.79 20.46
C LYS A 146 13.04 12.69 19.80
N GLN A 147 12.81 11.56 20.49
CA GLN A 147 12.03 10.48 19.86
C GLN A 147 10.61 10.95 19.56
N THR A 148 10.05 11.81 20.40
CA THR A 148 8.69 12.31 20.18
C THR A 148 8.57 13.20 18.91
N TYR A 149 9.66 13.86 18.51
CA TYR A 149 9.68 14.63 17.28
C TYR A 149 9.53 13.74 16.04
N ILE A 150 9.91 12.47 16.14
CA ILE A 150 9.64 11.49 15.09
C ILE A 150 8.13 11.28 14.94
N ALA A 151 7.44 11.06 16.06
CA ALA A 151 5.97 10.90 16.11
C ALA A 151 5.29 12.19 15.70
N LEU A 152 5.87 13.31 16.11
CA LEU A 152 5.38 14.59 15.69
C LEU A 152 5.35 14.74 14.15
N GLY A 153 6.45 14.37 13.49
CA GLY A 153 6.53 14.39 12.00
C GLY A 153 5.58 13.39 11.36
N ASN A 154 5.53 12.16 11.88
CA ASN A 154 4.55 11.15 11.43
C ASN A 154 3.06 11.59 11.56
N MSE A 155 2.70 12.26 12.65
CA MSE A 155 1.33 12.75 12.83
C MSE A 155 1.02 13.84 11.81
O MSE A 155 -0.06 13.83 11.26
CB MSE A 155 1.09 13.28 14.25
CG MSE A 155 0.84 12.16 15.24
SE MSE A 155 0.29 12.79 16.99
CE MSE A 155 1.92 13.58 17.67
N MSE A 156 1.96 14.76 11.61
CA MSE A 156 1.78 15.88 10.66
C MSE A 156 1.66 15.44 9.23
O MSE A 156 0.85 15.98 8.49
CB MSE A 156 2.85 16.94 10.80
CG MSE A 156 2.75 17.73 12.12
SE MSE A 156 4.00 19.21 12.18
CE MSE A 156 5.67 18.20 12.24
N MSE A 157 2.47 14.46 8.83
CA MSE A 157 2.40 13.91 7.48
C MSE A 157 1.08 13.15 7.24
O MSE A 157 0.48 13.30 6.16
CB MSE A 157 3.58 12.96 7.20
CG MSE A 157 3.41 12.24 5.85
SE MSE A 157 3.69 13.50 4.38
CE MSE A 157 5.63 13.36 4.53
N THR A 158 0.68 12.32 8.19
CA THR A 158 -0.60 11.62 8.16
C THR A 158 -1.75 12.65 8.03
N ALA A 159 -1.76 13.64 8.93
CA ALA A 159 -2.71 14.75 8.88
C ALA A 159 -2.77 15.35 7.47
N ALA A 160 -1.62 15.78 6.94
CA ALA A 160 -1.54 16.42 5.62
C ALA A 160 -2.09 15.54 4.51
N LEU A 161 -1.73 14.26 4.52
CA LEU A 161 -2.29 13.30 3.57
C LEU A 161 -3.81 13.15 3.67
N LEU A 162 -4.38 13.44 4.85
CA LEU A 162 -5.82 13.50 5.01
C LEU A 162 -6.42 14.90 4.75
N GLY A 163 -5.58 15.88 4.40
CA GLY A 163 -6.11 17.23 4.18
C GLY A 163 -6.39 17.93 5.52
N ILE A 164 -5.75 17.48 6.58
CA ILE A 164 -5.92 18.10 7.88
C ILE A 164 -4.73 18.95 8.23
N ASP A 165 -4.99 20.16 8.70
CA ASP A 165 -3.93 21.10 9.06
C ASP A 165 -3.39 20.92 10.47
N THR A 166 -2.15 21.32 10.68
CA THR A 166 -1.53 21.16 11.97
C THR A 166 -0.63 22.35 12.27
N CYS A 167 -0.15 22.41 13.50
CA CYS A 167 0.93 23.32 13.86
C CYS A 167 1.72 22.65 14.97
N PRO A 168 3.04 22.46 14.75
CA PRO A 168 3.89 21.94 15.84
C PRO A 168 4.28 23.09 16.77
N ILE A 169 4.25 22.87 18.08
CA ILE A 169 4.41 24.00 18.99
C ILE A 169 5.46 23.75 20.09
N GLU A 170 6.45 24.64 20.22
CA GLU A 170 7.36 24.64 21.37
C GLU A 170 7.20 25.94 22.16
N GLY A 171 6.44 26.90 21.61
CA GLY A 171 6.41 28.26 22.18
C GLY A 171 5.61 28.42 23.45
N PHE A 172 6.11 27.82 24.52
CA PHE A 172 5.47 27.92 25.84
C PHE A 172 6.52 27.80 26.97
N HIS A 173 6.16 28.20 28.17
CA HIS A 173 7.07 28.08 29.30
C HIS A 173 6.96 26.66 29.84
N TYR A 174 8.01 25.88 29.64
CA TYR A 174 7.99 24.44 29.93
C TYR A 174 7.69 24.08 31.39
N ASP A 175 8.34 24.78 32.31
N ASP A 175 8.37 24.78 32.31
CA ASP A 175 8.19 24.50 33.73
CA ASP A 175 8.20 24.57 33.75
C ASP A 175 6.79 24.87 34.25
C ASP A 175 6.77 24.85 34.20
N LYS A 176 6.24 26.00 33.79
CA LYS A 176 4.90 26.42 34.20
C LYS A 176 3.82 25.53 33.60
N VAL A 177 4.03 25.08 32.36
CA VAL A 177 3.08 24.15 31.74
C VAL A 177 3.18 22.79 32.41
N ASN A 178 4.40 22.32 32.67
CA ASN A 178 4.54 21.07 33.40
C ASN A 178 3.81 21.07 34.76
N HIS A 179 3.94 22.14 35.54
N HIS A 179 3.94 22.15 35.52
CA HIS A 179 3.28 22.19 36.83
CA HIS A 179 3.29 22.20 36.85
C HIS A 179 1.75 22.27 36.77
C HIS A 179 1.76 22.36 36.83
N ILE A 180 1.22 22.97 35.77
CA ILE A 180 -0.24 22.97 35.51
C ILE A 180 -0.70 21.55 35.18
N LEU A 181 0.06 20.87 34.32
CA LEU A 181 -0.28 19.50 33.94
C LEU A 181 -0.19 18.54 35.13
N ALA A 182 0.82 18.73 35.99
CA ALA A 182 1.01 17.89 37.17
C ALA A 182 -0.10 18.09 38.20
N LYS A 183 -0.53 19.33 38.36
CA LYS A 183 -1.57 19.62 39.32
C LYS A 183 -2.96 19.08 38.91
N HIS A 184 -3.17 18.92 37.61
CA HIS A 184 -4.37 18.29 37.11
C HIS A 184 -4.20 16.78 36.94
N ASN A 185 -3.08 16.24 37.41
CA ASN A 185 -2.72 14.84 37.27
C ASN A 185 -2.75 14.37 35.81
N VAL A 186 -2.40 15.25 34.89
CA VAL A 186 -2.31 14.87 33.48
C VAL A 186 -0.97 14.18 33.26
N ILE A 187 0.06 14.66 33.97
CA ILE A 187 1.36 14.02 34.00
C ILE A 187 1.79 13.77 35.43
N ASP A 188 2.77 12.88 35.59
CA ASP A 188 3.50 12.74 36.84
C ASP A 188 4.89 13.36 36.62
N LEU A 189 5.09 14.56 37.16
CA LEU A 189 6.33 15.32 37.03
C LEU A 189 7.60 14.63 37.49
N GLU A 190 7.48 13.64 38.38
CA GLU A 190 8.65 12.86 38.73
C GLU A 190 9.11 12.02 37.54
N LYS A 191 8.16 11.51 36.75
CA LYS A 191 8.45 10.47 35.76
C LYS A 191 8.59 10.98 34.33
N GLU A 192 8.12 12.20 34.08
CA GLU A 192 7.90 12.67 32.71
C GLU A 192 7.68 14.18 32.66
N GLY A 193 7.74 14.73 31.45
CA GLY A 193 7.50 16.13 31.25
C GLY A 193 7.14 16.35 29.80
N ILE A 194 6.51 17.49 29.53
CA ILE A 194 6.11 17.82 28.17
C ILE A 194 7.29 18.10 27.24
N ALA A 195 7.17 17.60 26.01
CA ALA A 195 8.19 17.77 24.98
C ALA A 195 7.77 18.82 23.97
N SER A 196 6.50 18.82 23.61
CA SER A 196 5.96 19.73 22.62
C SER A 196 4.44 19.58 22.58
N MSE A 197 3.82 20.41 21.75
CA MSE A 197 2.37 20.40 21.56
C MSE A 197 2.12 20.36 20.08
O MSE A 197 2.96 20.84 19.29
CB MSE A 197 1.71 21.66 22.16
CG MSE A 197 1.84 21.83 23.67
SE MSE A 197 1.08 23.51 24.35
CE MSE A 197 1.76 24.81 23.15
N LEU A 198 0.96 19.84 19.69
CA LEU A 198 0.55 19.80 18.29
C LEU A 198 -0.93 20.18 18.20
N SER A 199 -1.26 21.20 17.42
CA SER A 199 -2.67 21.48 17.17
C SER A 199 -3.07 20.85 15.83
N LEU A 200 -4.36 20.48 15.73
CA LEU A 200 -4.92 19.85 14.53
C LEU A 200 -6.29 20.49 14.26
N GLY A 201 -6.62 20.68 12.97
CA GLY A 201 -7.93 21.25 12.59
C GLY A 201 -7.98 21.52 11.11
N TYR A 202 -8.86 22.43 10.70
CA TYR A 202 -8.93 22.90 9.35
C TYR A 202 -8.68 24.40 9.33
N ARG A 203 -7.73 24.84 8.51
CA ARG A 203 -7.34 26.23 8.50
C ARG A 203 -8.53 27.13 8.21
N LEU A 204 -8.64 28.22 8.98
CA LEU A 204 -9.70 29.18 8.73
C LEU A 204 -9.52 29.77 7.36
N ARG A 205 -8.27 30.10 7.03
CA ARG A 205 -7.97 30.67 5.73
C ARG A 205 -6.58 30.27 5.24
N ASP A 206 -6.35 30.51 3.96
CA ASP A 206 -5.05 30.31 3.33
C ASP A 206 -4.02 31.23 3.93
N PRO A 207 -2.83 30.67 4.19
CA PRO A 207 -1.71 31.41 4.75
C PRO A 207 -1.42 32.70 3.99
N LYS A 208 -1.02 33.70 4.76
CA LYS A 208 -0.70 35.05 4.32
C LYS A 208 0.54 35.03 3.41
N HIS A 209 1.62 34.43 3.91
N HIS A 209 1.60 34.42 3.91
CA HIS A 209 2.93 34.33 3.21
CA HIS A 209 2.84 34.25 3.16
C HIS A 209 3.20 32.91 2.72
C HIS A 209 2.80 32.99 2.30
N ALA A 210 3.88 32.77 1.58
CA ALA A 210 4.18 31.47 0.98
C ALA A 210 5.21 30.72 1.84
N GLN A 211 5.39 29.43 1.58
CA GLN A 211 6.39 28.60 2.27
C GLN A 211 7.79 29.13 1.96
N VAL A 212 8.59 29.33 3.01
CA VAL A 212 9.99 29.77 2.89
C VAL A 212 10.94 28.74 3.48
N ARG A 213 11.94 28.37 2.68
CA ARG A 213 13.01 27.47 3.12
C ARG A 213 14.34 28.02 2.60
N LYS A 214 15.43 27.65 3.25
CA LYS A 214 16.75 27.85 2.64
C LYS A 214 16.78 27.23 1.22
N PRO A 215 17.64 27.75 0.31
CA PRO A 215 17.83 27.09 -0.99
C PRO A 215 18.21 25.64 -0.72
N LYS A 216 17.63 24.69 -1.45
CA LYS A 216 17.83 23.29 -1.06
C LYS A 216 19.30 22.83 -1.03
N GLU A 217 20.18 23.46 -1.81
CA GLU A 217 21.63 23.18 -1.79
C GLU A 217 22.36 23.49 -0.48
N GLU A 218 21.76 24.34 0.37
CA GLU A 218 22.37 24.68 1.67
C GLU A 218 21.93 23.70 2.75
N VAL A 219 21.08 22.74 2.34
CA VAL A 219 20.47 21.83 3.26
C VAL A 219 20.82 20.40 2.87
N MSE A 220 20.69 20.07 1.58
CA MSE A 220 20.97 18.72 1.11
C MSE A 220 22.22 18.68 0.24
O MSE A 220 22.53 19.64 -0.44
CB MSE A 220 19.74 18.14 0.40
CG MSE A 220 19.39 18.78 -0.94
SE MSE A 220 17.83 17.95 -1.79
CE MSE A 220 16.45 18.38 -0.50
N SER A 221 22.93 17.56 0.31
CA SER A 221 24.15 17.33 -0.44
C SER A 221 24.48 15.84 -0.50
N VAL A 222 25.42 15.51 -1.39
CA VAL A 222 25.89 14.13 -1.59
C VAL A 222 27.38 14.10 -1.35
N VAL A 223 27.86 13.13 -0.60
CA VAL A 223 29.30 12.87 -0.52
C VAL A 223 29.58 11.57 -1.28
N LYS A 224 30.19 11.71 -2.46
CA LYS A 224 30.39 10.61 -3.42
C LYS A 224 31.55 9.68 -3.04
N MSE B 4 -13.18 8.46 6.78
CA MSE B 4 -14.11 8.97 5.73
C MSE B 4 -13.60 8.73 4.30
O MSE B 4 -14.35 8.20 3.49
CB MSE B 4 -14.46 10.46 5.95
CG MSE B 4 -15.51 11.03 5.00
SE MSE B 4 -16.53 12.58 5.69
CE MSE B 4 -17.86 12.69 4.25
N ASP B 5 -12.37 9.09 3.99
N ASP B 5 -12.38 9.13 3.98
CA ASP B 5 -11.82 8.84 2.66
CA ASP B 5 -11.80 8.82 2.66
C ASP B 5 -11.02 7.54 2.66
C ASP B 5 -11.02 7.52 2.72
N GLN B 6 -11.73 6.44 2.48
CA GLN B 6 -11.27 5.11 2.77
C GLN B 6 -9.98 4.67 2.05
N THR B 7 -9.83 5.09 0.80
CA THR B 7 -8.65 4.77 0.02
C THR B 7 -7.38 5.37 0.64
N ILE B 8 -7.49 6.60 1.13
CA ILE B 8 -6.35 7.24 1.76
C ILE B 8 -6.04 6.58 3.11
N HIS B 9 -7.09 6.22 3.86
CA HIS B 9 -6.90 5.52 5.13
C HIS B 9 -6.12 4.23 4.96
N HIS B 10 -6.51 3.46 3.93
CA HIS B 10 -5.86 2.20 3.61
C HIS B 10 -4.38 2.39 3.24
N GLN B 11 -4.08 3.39 2.43
CA GLN B 11 -2.73 3.68 2.01
C GLN B 11 -1.81 4.06 3.18
N ILE B 12 -2.31 4.92 4.06
CA ILE B 12 -1.59 5.30 5.28
C ILE B 12 -1.46 4.10 6.20
N GLN B 13 -2.55 3.37 6.39
CA GLN B 13 -2.50 2.21 7.26
C GLN B 13 -1.52 1.15 6.71
N GLN B 14 -1.43 1.01 5.39
CA GLN B 14 -0.45 0.08 4.81
C GLN B 14 0.98 0.48 5.12
N ALA B 15 1.25 1.79 5.02
CA ALA B 15 2.58 2.33 5.25
C ALA B 15 3.03 2.23 6.72
N LEU B 16 2.11 2.48 7.64
CA LEU B 16 2.39 2.38 9.08
C LEU B 16 2.75 0.95 9.48
N HIS B 17 2.08 -0.04 8.88
CA HIS B 17 2.39 -1.41 9.22
C HIS B 17 3.52 -2.01 8.38
N PHE B 18 3.78 -1.46 7.19
CA PHE B 18 4.96 -1.80 6.39
C PHE B 18 6.29 -1.40 7.06
N ARG B 19 6.39 -0.15 7.51
CA ARG B 19 7.63 0.35 8.12
C ARG B 19 8.07 -0.50 9.30
N THR B 20 9.28 -1.04 9.20
CA THR B 20 9.91 -1.74 10.30
C THR B 20 11.39 -1.37 10.23
N ALA B 21 12.12 -1.53 11.33
CA ALA B 21 13.53 -1.11 11.34
C ALA B 21 14.34 -2.22 10.68
N VAL B 22 14.81 -1.93 9.46
CA VAL B 22 15.41 -2.97 8.63
C VAL B 22 16.94 -2.92 8.73
N ARG B 23 17.55 -4.02 9.12
CA ARG B 23 19.01 -4.08 9.27
C ARG B 23 19.75 -4.55 8.04
N VAL B 24 19.16 -5.52 7.33
CA VAL B 24 19.81 -6.10 6.15
C VAL B 24 19.00 -5.86 4.87
N TYR B 25 19.66 -5.22 3.90
CA TYR B 25 19.04 -4.84 2.64
C TYR B 25 19.60 -5.67 1.51
N LYS B 26 18.81 -5.81 0.46
CA LYS B 26 19.33 -6.38 -0.76
C LYS B 26 20.05 -5.32 -1.59
N GLU B 27 20.59 -5.75 -2.72
CA GLU B 27 21.50 -4.94 -3.51
C GLU B 27 20.82 -3.85 -4.33
N GLU B 28 19.54 -4.12 -4.60
N GLU B 28 19.53 -3.97 -4.61
CA GLU B 28 18.61 -3.23 -5.29
CA GLU B 28 18.83 -2.96 -5.46
C GLU B 28 18.63 -1.78 -4.75
C GLU B 28 18.95 -1.49 -4.99
N LYS B 29 18.92 -0.86 -5.67
N LYS B 29 19.25 -0.57 -5.92
CA LYS B 29 19.09 0.55 -5.35
CA LYS B 29 19.37 0.84 -5.53
C LYS B 29 17.82 1.38 -5.54
C LYS B 29 18.06 1.60 -5.75
N ILE B 30 17.76 2.50 -4.80
CA ILE B 30 16.62 3.41 -4.87
C ILE B 30 16.81 4.31 -6.08
N SER B 31 15.74 4.63 -6.80
CA SER B 31 15.85 5.50 -7.97
C SER B 31 16.18 6.93 -7.53
N ASP B 32 16.73 7.70 -8.47
CA ASP B 32 16.97 9.13 -8.29
C ASP B 32 15.71 9.90 -7.89
N GLU B 33 14.59 9.56 -8.50
N GLU B 33 14.58 9.57 -8.52
CA GLU B 33 13.33 10.24 -8.22
CA GLU B 33 13.30 10.24 -8.24
C GLU B 33 12.82 9.96 -6.80
C GLU B 33 12.78 9.95 -6.82
N ASP B 34 12.98 8.72 -6.35
CA ASP B 34 12.54 8.35 -5.02
C ASP B 34 13.43 8.99 -3.94
N LEU B 35 14.75 8.98 -4.13
CA LEU B 35 15.65 9.64 -3.20
C LEU B 35 15.39 11.15 -3.12
N ALA B 36 15.19 11.79 -4.28
CA ALA B 36 14.88 13.21 -4.33
C ALA B 36 13.62 13.57 -3.53
N LEU B 37 12.54 12.80 -3.70
CA LEU B 37 11.31 13.01 -2.94
C LEU B 37 11.54 12.85 -1.46
N ILE B 38 12.29 11.84 -1.06
CA ILE B 38 12.59 11.62 0.35
C ILE B 38 13.36 12.80 0.97
N LEU B 39 14.33 13.32 0.21
CA LEU B 39 15.11 14.46 0.65
C LEU B 39 14.27 15.75 0.68
N ASP B 40 13.36 15.89 -0.27
CA ASP B 40 12.39 16.99 -0.29
C ASP B 40 11.51 16.96 0.97
N ALA B 41 11.21 15.77 1.48
CA ALA B 41 10.44 15.60 2.72
C ALA B 41 11.18 16.18 3.94
N ALA B 42 12.49 15.95 3.99
CA ALA B 42 13.35 16.55 5.04
C ALA B 42 13.46 18.06 4.87
N TRP B 43 13.77 18.49 3.66
CA TRP B 43 13.96 19.91 3.38
C TRP B 43 12.72 20.74 3.71
N LEU B 44 11.54 20.21 3.37
CA LEU B 44 10.24 20.88 3.55
C LEU B 44 9.62 20.73 4.93
N SER B 45 10.26 19.92 5.78
CA SER B 45 9.86 19.77 7.17
C SER B 45 9.88 21.09 7.96
N PRO B 46 8.94 21.23 8.92
CA PRO B 46 9.02 22.40 9.78
C PRO B 46 10.12 22.27 10.83
N SER B 47 10.69 23.40 11.22
CA SER B 47 11.62 23.41 12.32
C SER B 47 11.20 24.56 13.20
N SER B 48 11.47 24.43 14.50
CA SER B 48 11.16 25.50 15.45
C SER B 48 11.72 26.83 15.01
N ILE B 49 10.87 27.85 15.08
CA ILE B 49 11.14 29.20 14.61
C ILE B 49 11.68 29.30 13.17
N GLY B 50 11.48 28.28 12.35
CA GLY B 50 11.92 28.35 10.93
C GLY B 50 13.43 28.41 10.76
N LEU B 51 14.17 27.95 11.75
CA LEU B 51 15.62 28.06 11.77
C LEU B 51 16.27 27.19 10.68
N GLU B 52 15.76 25.97 10.48
CA GLU B 52 16.36 25.03 9.51
C GLU B 52 17.86 24.87 9.78
N GLY B 53 18.22 24.72 11.05
CA GLY B 53 19.61 24.51 11.45
C GLY B 53 19.97 23.07 11.27
N TRP B 54 19.96 22.61 10.03
CA TRP B 54 20.14 21.18 9.77
C TRP B 54 20.65 20.99 8.36
N ARG B 55 21.27 19.83 8.12
CA ARG B 55 21.65 19.42 6.78
C ARG B 55 21.42 17.94 6.67
N PHE B 56 21.13 17.51 5.45
CA PHE B 56 20.90 16.11 5.21
C PHE B 56 21.87 15.66 4.15
N VAL B 57 22.77 14.77 4.52
CA VAL B 57 23.81 14.36 3.57
C VAL B 57 23.77 12.92 3.16
N VAL B 58 23.73 12.72 1.84
CA VAL B 58 23.75 11.40 1.27
C VAL B 58 25.19 10.92 1.25
N LEU B 59 25.47 9.95 2.11
CA LEU B 59 26.82 9.40 2.25
C LEU B 59 26.97 8.20 1.32
N ASP B 60 27.46 8.45 0.11
CA ASP B 60 27.70 7.42 -0.89
C ASP B 60 29.13 6.85 -0.79
N ASN B 61 30.04 7.64 -0.22
CA ASN B 61 31.45 7.29 -0.14
C ASN B 61 31.72 6.05 0.70
N LYS B 62 32.17 4.99 0.03
CA LYS B 62 32.39 3.68 0.68
C LYS B 62 33.53 3.69 1.73
N PRO B 63 34.69 4.29 1.40
CA PRO B 63 35.73 4.42 2.44
C PRO B 63 35.26 5.05 3.76
N ILE B 64 34.41 6.08 3.68
CA ILE B 64 33.97 6.80 4.88
C ILE B 64 33.02 5.90 5.67
N LYS B 65 32.12 5.21 4.97
CA LYS B 65 31.29 4.18 5.59
C LYS B 65 32.14 3.10 6.33
N GLU B 66 33.19 2.61 5.66
N GLU B 66 33.19 2.60 5.68
CA GLU B 66 34.10 1.61 6.22
CA GLU B 66 34.06 1.60 6.30
C GLU B 66 34.78 2.11 7.51
C GLU B 66 34.71 2.13 7.57
N GLU B 67 35.21 3.36 7.51
CA GLU B 67 35.78 4.01 8.69
C GLU B 67 34.80 4.22 9.85
N ILE B 68 33.54 4.50 9.55
CA ILE B 68 32.51 4.70 10.59
C ILE B 68 32.19 3.37 11.28
N LYS B 69 32.19 2.29 10.50
CA LYS B 69 31.68 0.97 10.90
C LYS B 69 32.13 0.38 12.27
N PRO B 70 33.45 0.40 12.61
CA PRO B 70 33.87 -0.11 13.93
C PRO B 70 33.30 0.64 15.14
N PHE B 71 32.80 1.85 14.93
CA PHE B 71 32.29 2.63 16.06
C PHE B 71 30.79 2.76 16.01
N ALA B 72 30.17 1.98 15.13
CA ALA B 72 28.74 2.07 14.88
C ALA B 72 28.08 0.71 15.16
N TRP B 73 28.06 0.29 16.41
CA TRP B 73 27.40 -0.96 16.83
C TRP B 73 25.98 -1.18 16.32
N GLY B 74 25.22 -0.11 16.09
CA GLY B 74 23.86 -0.27 15.61
C GLY B 74 23.68 -0.21 14.10
N ALA B 75 24.75 -0.10 13.34
CA ALA B 75 24.63 0.20 11.91
C ALA B 75 25.49 -0.70 11.01
N GLN B 76 25.96 -1.81 11.57
CA GLN B 76 26.94 -2.68 10.91
C GLN B 76 26.44 -3.24 9.57
N TYR B 77 25.27 -3.89 9.59
CA TYR B 77 24.72 -4.45 8.37
C TYR B 77 24.10 -3.37 7.49
N GLN B 78 23.62 -2.29 8.12
CA GLN B 78 23.03 -1.19 7.37
C GLN B 78 24.06 -0.48 6.47
N LEU B 79 25.23 -0.11 7.04
CA LEU B 79 26.36 0.40 6.28
C LEU B 79 26.86 -0.59 5.20
N GLU B 80 26.82 -1.89 5.48
CA GLU B 80 27.21 -2.89 4.49
C GLU B 80 26.26 -2.94 3.28
N THR B 81 24.95 -2.91 3.54
CA THR B 81 23.98 -3.42 2.55
C THR B 81 22.97 -2.40 2.04
N ALA B 82 22.83 -1.27 2.74
CA ALA B 82 21.80 -0.30 2.40
C ALA B 82 22.08 0.32 1.05
N SER B 83 21.02 0.64 0.33
CA SER B 83 21.14 1.35 -0.94
C SER B 83 21.70 2.78 -0.74
N HIS B 84 21.08 3.54 0.17
CA HIS B 84 21.56 4.88 0.50
C HIS B 84 21.64 5.05 2.00
N PHE B 85 22.51 5.94 2.42
CA PHE B 85 22.75 6.20 3.82
C PHE B 85 22.77 7.70 3.99
N ILE B 86 21.92 8.20 4.89
CA ILE B 86 21.78 9.65 5.06
C ILE B 86 22.21 10.09 6.45
N LEU B 87 23.07 11.10 6.51
CA LEU B 87 23.50 11.69 7.77
C LEU B 87 22.65 12.90 8.07
N LEU B 88 22.07 12.94 9.26
CA LEU B 88 21.25 14.09 9.71
C LEU B 88 22.14 14.94 10.60
N ILE B 89 22.42 16.16 10.15
CA ILE B 89 23.39 17.06 10.80
C ILE B 89 22.63 18.23 11.43
N ALA B 90 22.92 18.55 12.69
CA ALA B 90 22.32 19.73 13.34
C ALA B 90 23.32 20.86 13.64
N GLU B 91 22.86 22.12 13.59
CA GLU B 91 23.70 23.31 13.87
C GLU B 91 24.01 23.45 15.37
N LYS B 92 25.24 23.85 15.69
CA LYS B 92 25.62 24.19 17.06
C LYS B 92 25.45 25.67 17.28
N HIS B 93 25.36 26.06 18.53
CA HIS B 93 25.39 27.49 18.87
C HIS B 93 24.29 28.36 18.28
N ALA B 94 23.10 27.76 18.15
CA ALA B 94 21.96 28.52 17.62
C ALA B 94 21.31 29.33 18.73
N ARG B 95 22.08 30.23 19.35
CA ARG B 95 21.61 31.08 20.43
C ARG B 95 20.77 32.21 19.82
N TYR B 96 19.88 32.80 20.61
CA TYR B 96 18.97 33.84 20.12
C TYR B 96 19.69 34.98 19.37
N ASP B 97 20.95 35.29 19.74
CA ASP B 97 21.67 36.40 19.11
C ASP B 97 22.67 35.97 18.03
N SER B 98 22.62 34.70 17.63
CA SER B 98 23.51 34.14 16.61
C SER B 98 23.14 34.60 15.21
N PRO B 99 24.11 34.54 14.27
CA PRO B 99 23.84 34.85 12.85
C PRO B 99 22.80 33.91 12.25
N ALA B 100 22.84 32.62 12.59
CA ALA B 100 21.78 31.68 12.12
C ALA B 100 20.35 32.13 12.46
N ILE B 101 20.10 32.52 13.71
CA ILE B 101 18.74 32.95 14.12
C ILE B 101 18.34 34.23 13.37
N LYS B 102 19.29 35.14 13.20
CA LYS B 102 19.08 36.38 12.45
C LYS B 102 18.74 36.11 10.97
N ASN B 103 19.45 35.16 10.38
CA ASN B 103 19.22 34.83 8.98
C ASN B 103 17.86 34.19 8.73
N SER B 104 17.33 33.51 9.75
CA SER B 104 16.06 32.80 9.64
C SER B 104 14.90 33.80 9.62
N LEU B 105 15.13 34.96 10.21
CA LEU B 105 14.19 36.06 10.17
C LEU B 105 14.30 36.82 8.86
N LEU B 106 15.53 37.14 8.46
CA LEU B 106 15.78 37.81 7.18
C LEU B 106 15.20 37.04 5.99
N ARG B 107 15.39 35.71 5.98
CA ARG B 107 14.84 34.79 4.98
C ARG B 107 13.36 35.01 4.76
N ARG B 108 12.67 35.35 5.84
CA ARG B 108 11.23 35.56 5.86
C ARG B 108 10.86 37.04 5.69
N GLY B 109 11.84 37.87 5.35
CA GLY B 109 11.59 39.30 5.12
C GLY B 109 11.40 40.15 6.37
N ILE B 110 11.79 39.60 7.52
CA ILE B 110 11.75 40.32 8.79
C ILE B 110 13.12 40.97 9.08
N LYS B 111 13.13 42.29 9.15
CA LYS B 111 14.38 43.06 9.29
C LYS B 111 14.12 44.45 9.85
N GLU B 112 12.92 44.95 9.59
CA GLU B 112 12.57 46.40 9.63
C GLU B 112 12.65 47.05 11.01
N GLY B 113 13.84 47.03 11.60
CA GLY B 113 14.02 47.47 12.97
C GLY B 113 13.34 46.54 13.97
N ASP B 114 12.23 46.99 14.53
CA ASP B 114 11.62 46.32 15.66
C ASP B 114 10.50 45.39 15.25
N GLY B 115 10.60 44.90 14.02
CA GLY B 115 9.97 43.63 13.65
C GLY B 115 11.00 42.55 13.94
N LEU B 116 12.22 42.77 13.45
CA LEU B 116 13.33 41.87 13.67
C LEU B 116 13.73 41.83 15.15
N ASN B 117 14.01 43.00 15.71
CA ASN B 117 14.44 43.14 17.11
C ASN B 117 13.41 42.65 18.10
N SER B 118 12.13 42.94 17.83
CA SER B 118 11.06 42.44 18.66
C SER B 118 10.96 40.91 18.66
N ARG B 119 11.17 40.28 17.49
CA ARG B 119 11.23 38.81 17.46
C ARG B 119 12.43 38.29 18.23
N LEU B 120 13.58 38.96 18.06
CA LEU B 120 14.80 38.56 18.77
C LEU B 120 14.58 38.55 20.28
N LYS B 121 13.76 39.49 20.75
CA LYS B 121 13.41 39.60 22.16
C LYS B 121 12.55 38.44 22.65
N LEU B 122 11.62 37.98 21.82
CA LEU B 122 10.87 36.76 22.10
C LEU B 122 11.76 35.53 22.08
N TYR B 123 12.64 35.46 21.09
CA TYR B 123 13.52 34.29 20.98
C TYR B 123 14.45 34.25 22.18
N GLU B 124 14.81 35.42 22.68
CA GLU B 124 15.64 35.53 23.88
C GLU B 124 14.95 34.94 25.12
N SER B 125 13.73 35.39 25.41
CA SER B 125 13.02 34.86 26.58
C SER B 125 12.68 33.40 26.37
N PHE B 126 12.42 33.01 25.12
CA PHE B 126 12.18 31.62 24.76
C PHE B 126 13.36 30.74 25.15
N GLN B 127 14.59 31.15 24.81
CA GLN B 127 15.78 30.36 25.16
C GLN B 127 16.21 30.47 26.61
N LYS B 128 15.99 31.62 27.23
CA LYS B 128 16.43 31.84 28.61
C LYS B 128 15.41 31.31 29.62
N GLU B 129 14.12 31.49 29.33
N GLU B 129 14.12 31.55 29.40
CA GLU B 129 13.07 31.22 30.31
CA GLU B 129 13.11 31.08 30.36
C GLU B 129 12.16 30.02 29.98
C GLU B 129 12.34 29.85 29.89
N ASP B 130 11.66 29.95 28.75
CA ASP B 130 10.77 28.84 28.32
C ASP B 130 11.49 27.50 28.25
N MSE B 131 12.66 27.48 27.63
CA MSE B 131 13.43 26.24 27.41
C MSE B 131 14.71 26.13 28.25
O MSE B 131 15.33 25.07 28.27
CB MSE B 131 13.79 26.09 25.93
CG MSE B 131 12.59 25.86 24.99
SE MSE B 131 12.87 24.35 23.78
CE MSE B 131 12.82 23.10 25.25
N ASP B 132 15.08 27.22 28.92
CA ASP B 132 16.25 27.23 29.83
C ASP B 132 17.53 26.68 29.16
N MSE B 133 17.96 27.31 28.06
CA MSE B 133 19.06 26.77 27.27
C MSE B 133 19.98 27.84 26.63
O MSE B 133 20.98 27.49 26.06
CB MSE B 133 18.52 25.82 26.19
CG MSE B 133 17.58 26.50 25.20
SE MSE B 133 16.99 25.31 23.76
CE MSE B 133 16.13 26.59 22.65
N ALA B 134 19.62 29.11 26.69
CA ALA B 134 20.42 30.18 26.10
C ALA B 134 21.91 30.03 26.38
N ASP B 135 22.28 29.58 27.59
CA ASP B 135 23.70 29.63 27.99
C ASP B 135 24.31 28.24 28.15
N ASN B 136 23.70 27.30 27.45
CA ASN B 136 23.97 25.89 27.62
C ASN B 136 24.15 25.24 26.25
N PRO B 137 25.37 25.32 25.66
CA PRO B 137 25.60 24.86 24.27
C PRO B 137 25.15 23.41 23.95
N ARG B 138 25.27 22.51 24.91
CA ARG B 138 24.80 21.12 24.75
C ARG B 138 23.28 21.05 24.57
N ALA B 139 22.57 21.80 25.41
CA ALA B 139 21.10 21.91 25.31
C ALA B 139 20.68 22.54 23.97
N LEU B 140 21.43 23.53 23.54
CA LEU B 140 21.12 24.23 22.30
C LEU B 140 21.29 23.33 21.10
N PHE B 141 22.34 22.51 21.15
CA PHE B 141 22.59 21.53 20.11
C PHE B 141 21.49 20.49 20.12
N ASP B 142 21.13 20.02 21.31
CA ASP B 142 20.10 18.99 21.43
C ASP B 142 18.77 19.54 20.93
N TRP B 143 18.55 20.85 21.09
CA TRP B 143 17.39 21.49 20.53
C TRP B 143 17.33 21.50 19.00
N THR B 144 18.42 21.87 18.33
CA THR B 144 18.42 21.74 16.88
C THR B 144 18.38 20.28 16.42
N ALA B 145 19.09 19.40 17.16
CA ALA B 145 19.05 17.97 16.88
C ALA B 145 17.59 17.44 16.95
N LYS B 146 16.79 17.94 17.90
CA LYS B 146 15.36 17.55 17.98
C LYS B 146 14.63 17.83 16.70
N GLN B 147 14.87 19.01 16.10
CA GLN B 147 14.19 19.36 14.84
C GLN B 147 14.44 18.32 13.74
N THR B 148 15.66 17.79 13.68
CA THR B 148 16.04 16.82 12.63
C THR B 148 15.26 15.54 12.75
N TYR B 149 14.85 15.19 13.98
CA TYR B 149 13.95 14.02 14.19
C TYR B 149 12.56 14.19 13.51
N ILE B 150 12.07 15.42 13.38
CA ILE B 150 10.85 15.67 12.55
C ILE B 150 11.09 15.22 11.08
N ALA B 151 12.24 15.64 10.54
CA ALA B 151 12.69 15.30 9.19
C ALA B 151 12.91 13.80 9.09
N LEU B 152 13.53 13.23 10.12
CA LEU B 152 13.68 11.79 10.16
C LEU B 152 12.33 11.08 9.94
N GLY B 153 11.33 11.52 10.70
CA GLY B 153 9.99 11.03 10.58
C GLY B 153 9.40 11.20 9.19
N ASN B 154 9.53 12.41 8.63
CA ASN B 154 8.97 12.67 7.31
C ASN B 154 9.65 11.86 6.22
N MSE B 155 10.96 11.72 6.32
CA MSE B 155 11.70 10.87 5.38
C MSE B 155 11.23 9.41 5.41
O MSE B 155 11.01 8.82 4.36
CB MSE B 155 13.21 10.95 5.65
CG MSE B 155 13.78 12.25 5.13
SE MSE B 155 15.71 12.20 5.00
CE MSE B 155 16.16 12.36 6.86
N MSE B 156 11.12 8.85 6.60
CA MSE B 156 10.71 7.47 6.81
C MSE B 156 9.29 7.18 6.36
O MSE B 156 9.05 6.09 5.84
CB MSE B 156 10.88 7.05 8.26
CG MSE B 156 12.36 6.89 8.68
SE MSE B 156 12.45 6.03 10.41
CE MSE B 156 11.69 7.47 11.43
N MSE B 157 8.36 8.12 6.57
N MSE B 157 8.37 8.12 6.56
CA MSE B 157 6.99 7.98 6.08
CA MSE B 157 6.99 7.98 6.07
C MSE B 157 6.91 8.03 4.55
C MSE B 157 6.90 8.06 4.55
O MSE B 157 6.24 7.21 3.92
O MSE B 157 6.17 7.26 3.92
CB MSE B 157 6.04 9.03 6.69
CB MSE B 157 6.08 9.02 6.71
CG MSE B 157 4.59 8.89 6.23
CG MSE B 157 5.20 8.45 7.79
SE MSE B 157 3.81 7.14 6.64
SE MSE B 157 3.41 9.19 7.74
CE MSE B 157 3.53 7.48 8.54
CE MSE B 157 2.67 8.16 6.26
N THR B 158 7.61 9.01 3.98
CA THR B 158 7.77 9.13 2.53
C THR B 158 8.37 7.84 1.95
N ALA B 159 9.50 7.36 2.50
CA ALA B 159 10.03 6.04 2.12
C ALA B 159 9.00 4.92 2.21
N ALA B 160 8.26 4.86 3.31
CA ALA B 160 7.29 3.79 3.53
C ALA B 160 6.19 3.79 2.46
N LEU B 161 5.66 4.96 2.14
CA LEU B 161 4.66 5.16 1.09
C LEU B 161 5.17 4.76 -0.30
N LEU B 162 6.48 4.83 -0.45
CA LEU B 162 7.16 4.46 -1.66
C LEU B 162 7.55 2.96 -1.68
N GLY B 163 7.39 2.27 -0.56
CA GLY B 163 7.83 0.87 -0.46
C GLY B 163 9.29 0.71 -0.14
N ILE B 164 9.93 1.80 0.27
CA ILE B 164 11.35 1.82 0.58
C ILE B 164 11.49 1.57 2.08
N ASP B 165 12.31 0.57 2.40
CA ASP B 165 12.66 0.28 3.77
C ASP B 165 13.74 1.22 4.34
N THR B 166 13.73 1.32 5.66
CA THR B 166 14.43 2.36 6.31
C THR B 166 14.93 1.81 7.64
N CYS B 167 15.88 2.49 8.26
CA CYS B 167 16.27 2.26 9.66
C CYS B 167 16.85 3.55 10.28
N PRO B 168 16.25 4.01 11.39
CA PRO B 168 16.79 5.21 12.03
C PRO B 168 17.90 4.76 12.98
N ILE B 169 19.04 5.44 12.98
CA ILE B 169 20.21 4.95 13.70
C ILE B 169 20.81 6.00 14.70
N GLU B 170 20.94 5.60 15.97
CA GLU B 170 21.66 6.37 16.98
C GLU B 170 22.80 5.57 17.59
N GLY B 171 22.94 4.30 17.20
CA GLY B 171 23.85 3.36 17.82
C GLY B 171 25.26 3.48 17.25
N PHE B 172 25.93 4.58 17.60
CA PHE B 172 27.30 4.83 17.19
C PHE B 172 27.93 5.82 18.16
N HIS B 173 29.27 5.87 18.18
CA HIS B 173 29.99 6.80 19.03
C HIS B 173 30.01 8.16 18.35
N TYR B 174 29.19 9.06 18.87
CA TYR B 174 29.00 10.37 18.25
C TYR B 174 30.32 11.15 18.10
N ASP B 175 31.12 11.25 19.16
CA ASP B 175 32.37 11.99 19.08
C ASP B 175 33.30 11.43 18.00
N LYS B 176 33.49 10.10 18.01
CA LYS B 176 34.32 9.44 17.03
C LYS B 176 33.82 9.62 15.59
N VAL B 177 32.51 9.53 15.38
CA VAL B 177 31.92 9.68 14.04
C VAL B 177 32.01 11.12 13.57
N ASN B 178 31.72 12.05 14.47
CA ASN B 178 31.99 13.47 14.25
C ASN B 178 33.44 13.73 13.85
N HIS B 179 34.37 13.08 14.51
CA HIS B 179 35.75 13.30 14.13
C HIS B 179 36.11 12.70 12.78
N ILE B 180 35.47 11.60 12.42
CA ILE B 180 35.72 10.99 11.10
C ILE B 180 35.15 11.93 10.03
N LEU B 181 33.97 12.48 10.30
CA LEU B 181 33.29 13.35 9.34
C LEU B 181 34.01 14.68 9.16
N ALA B 182 34.47 15.26 10.27
CA ALA B 182 35.29 16.47 10.18
C ALA B 182 36.61 16.21 9.44
N LYS B 183 37.23 15.07 9.73
CA LYS B 183 38.51 14.71 9.12
C LYS B 183 38.35 14.68 7.58
N HIS B 184 37.19 14.21 7.10
CA HIS B 184 36.94 14.19 5.67
C HIS B 184 36.27 15.46 5.10
N ASN B 185 36.17 16.52 5.90
CA ASN B 185 35.51 17.76 5.49
C ASN B 185 34.04 17.57 5.14
N VAL B 186 33.38 16.62 5.80
CA VAL B 186 31.96 16.38 5.56
C VAL B 186 31.15 17.38 6.40
N ILE B 187 31.66 17.68 7.60
CA ILE B 187 31.04 18.65 8.48
C ILE B 187 32.10 19.63 8.97
N ASP B 188 31.66 20.81 9.40
CA ASP B 188 32.52 21.69 10.19
C ASP B 188 32.18 21.48 11.67
N LEU B 189 32.99 20.71 12.38
CA LEU B 189 32.73 20.34 13.78
C LEU B 189 32.56 21.53 14.74
N GLU B 190 33.11 22.68 14.38
CA GLU B 190 32.92 23.85 15.23
C GLU B 190 31.52 24.47 15.05
N LYS B 191 30.84 24.14 13.95
N LYS B 191 30.83 24.14 13.96
CA LYS B 191 29.55 24.74 13.62
CA LYS B 191 29.52 24.77 13.71
C LYS B 191 28.36 23.79 13.71
C LYS B 191 28.34 23.78 13.63
N GLU B 192 28.63 22.49 13.73
CA GLU B 192 27.62 21.44 13.54
C GLU B 192 28.12 20.07 14.03
N GLY B 193 27.16 19.18 14.25
CA GLY B 193 27.42 17.83 14.74
C GLY B 193 26.33 16.88 14.22
N ILE B 194 26.68 15.62 14.10
CA ILE B 194 25.71 14.64 13.65
C ILE B 194 24.62 14.44 14.73
N ALA B 195 23.37 14.31 14.28
CA ALA B 195 22.22 14.04 15.14
C ALA B 195 21.87 12.55 15.09
N SER B 196 21.87 11.99 13.89
CA SER B 196 21.54 10.59 13.67
C SER B 196 21.90 10.15 12.24
N MSE B 197 21.67 8.90 11.92
CA MSE B 197 21.80 8.40 10.55
C MSE B 197 20.52 7.68 10.16
O MSE B 197 19.75 7.24 11.02
CB MSE B 197 22.97 7.40 10.47
CG MSE B 197 24.32 7.89 10.96
SE MSE B 197 25.60 6.36 11.10
CE MSE B 197 27.05 7.27 11.96
N LEU B 198 20.29 7.55 8.86
CA LEU B 198 19.14 6.82 8.34
C LEU B 198 19.62 5.95 7.18
N SER B 199 19.48 4.63 7.28
CA SER B 199 19.70 3.79 6.10
C SER B 199 18.42 3.61 5.32
N LEU B 200 18.53 3.51 4.01
CA LEU B 200 17.38 3.30 3.14
C LEU B 200 17.70 2.20 2.11
N GLY B 201 16.67 1.46 1.69
CA GLY B 201 16.83 0.38 0.71
C GLY B 201 15.63 -0.53 0.68
N TYR B 202 15.80 -1.75 0.24
CA TYR B 202 14.73 -2.72 0.20
C TYR B 202 15.13 -3.90 1.04
N ARG B 203 14.23 -4.32 1.92
CA ARG B 203 14.54 -5.40 2.83
C ARG B 203 14.93 -6.64 2.03
N LEU B 204 15.94 -7.35 2.52
CA LEU B 204 16.28 -8.67 2.02
C LEU B 204 15.09 -9.61 2.17
N ARG B 205 14.50 -9.62 3.38
CA ARG B 205 13.25 -10.35 3.65
C ARG B 205 12.48 -9.73 4.83
N ASP B 206 11.21 -10.13 5.01
CA ASP B 206 10.42 -9.68 6.16
C ASP B 206 10.98 -10.31 7.45
N PRO B 207 10.83 -9.57 8.52
CA PRO B 207 11.39 -9.91 9.81
C PRO B 207 10.71 -11.12 10.24
N LYS B 208 11.35 -11.84 11.12
CA LYS B 208 10.77 -12.98 11.77
C LYS B 208 9.85 -12.50 12.87
N HIS B 209 10.41 -11.72 13.79
CA HIS B 209 9.70 -11.25 14.99
C HIS B 209 8.86 -10.01 14.67
N ALA B 210 7.53 -10.20 14.56
CA ALA B 210 6.59 -9.10 14.32
C ALA B 210 6.74 -7.89 15.27
N GLN B 211 6.38 -6.72 14.75
CA GLN B 211 6.45 -5.45 15.47
C GLN B 211 5.86 -5.49 16.89
N VAL B 212 6.63 -5.03 17.87
CA VAL B 212 6.17 -4.91 19.25
C VAL B 212 6.02 -3.45 19.71
N ARG B 213 4.87 -3.16 20.34
CA ARG B 213 4.60 -1.87 20.93
C ARG B 213 3.96 -2.07 22.29
N LYS B 214 4.03 -1.05 23.16
CA LYS B 214 3.25 -1.01 24.41
C LYS B 214 1.76 -1.02 24.04
N PRO B 215 0.90 -1.57 24.93
CA PRO B 215 -0.55 -1.45 24.70
C PRO B 215 -0.90 0.01 24.47
N LYS B 216 -1.81 0.30 23.53
CA LYS B 216 -2.05 1.69 23.17
C LYS B 216 -2.61 2.56 24.30
N GLU B 217 -3.26 1.96 25.30
CA GLU B 217 -3.74 2.69 26.48
C GLU B 217 -2.57 3.25 27.31
N GLU B 218 -1.41 2.63 27.20
CA GLU B 218 -0.23 3.07 27.95
C GLU B 218 0.48 4.24 27.28
N VAL B 219 0.11 4.53 26.02
CA VAL B 219 0.76 5.57 25.22
C VAL B 219 -0.18 6.76 24.90
N MSE B 220 -1.39 6.45 24.42
N MSE B 220 -1.40 6.43 24.48
CA MSE B 220 -2.38 7.47 24.04
CA MSE B 220 -2.40 7.43 24.11
C MSE B 220 -3.58 7.57 24.99
C MSE B 220 -3.45 7.60 25.19
O MSE B 220 -4.05 6.57 25.50
O MSE B 220 -3.72 6.69 25.97
CB MSE B 220 -2.85 7.28 22.58
CB MSE B 220 -3.05 7.07 22.79
CG MSE B 220 -3.52 5.95 22.29
CG MSE B 220 -2.08 7.03 21.63
SE MSE B 220 -4.40 5.89 20.53
SE MSE B 220 -2.33 5.40 20.61
CE MSE B 220 -2.92 5.35 19.40
CE MSE B 220 -4.25 5.48 20.33
N SER B 221 -4.06 8.79 25.25
CA SER B 221 -5.17 9.04 26.16
C SER B 221 -5.85 10.37 25.84
N VAL B 222 -7.02 10.57 26.45
CA VAL B 222 -7.81 11.77 26.29
C VAL B 222 -8.04 12.38 27.66
N VAL B 223 -7.74 13.67 27.79
CA VAL B 223 -8.13 14.44 28.96
C VAL B 223 -9.40 15.22 28.61
N LYS B 224 -10.52 14.72 29.16
CA LYS B 224 -11.89 15.30 29.13
C LYS B 224 -12.80 14.74 28.05
N THR C 7 -5.94 10.70 -7.21
CA THR C 7 -4.60 10.29 -7.77
C THR C 7 -4.59 8.80 -8.10
N ILE C 8 -4.88 7.96 -7.09
CA ILE C 8 -4.98 6.52 -7.31
C ILE C 8 -6.13 6.18 -8.28
N HIS C 9 -7.15 7.03 -8.32
CA HIS C 9 -8.24 6.90 -9.27
C HIS C 9 -7.75 7.16 -10.68
N HIS C 10 -6.96 8.23 -10.83
CA HIS C 10 -6.36 8.60 -12.10
C HIS C 10 -5.38 7.55 -12.59
N GLN C 11 -4.63 6.95 -11.65
CA GLN C 11 -3.71 5.86 -11.97
C GLN C 11 -4.40 4.64 -12.57
N ILE C 12 -5.43 4.14 -11.90
CA ILE C 12 -6.21 3.03 -12.40
C ILE C 12 -6.90 3.39 -13.72
N GLN C 13 -7.50 4.58 -13.79
N GLN C 13 -7.51 4.58 -13.77
CA GLN C 13 -8.17 5.04 -15.00
CA GLN C 13 -8.14 5.10 -14.98
C GLN C 13 -7.17 5.12 -16.17
C GLN C 13 -7.13 5.03 -16.13
N GLN C 14 -5.96 5.62 -15.90
CA GLN C 14 -4.86 5.60 -16.85
C GLN C 14 -4.58 4.16 -17.29
N ALA C 15 -4.52 3.24 -16.32
CA ALA C 15 -4.24 1.82 -16.61
C ALA C 15 -5.31 1.14 -17.41
N LEU C 16 -6.57 1.48 -17.16
CA LEU C 16 -7.69 0.86 -17.88
C LEU C 16 -7.69 1.27 -19.36
N HIS C 17 -7.29 2.50 -19.64
CA HIS C 17 -7.24 2.99 -21.00
C HIS C 17 -5.95 2.61 -21.73
N PHE C 18 -4.84 2.54 -21.00
CA PHE C 18 -3.57 2.04 -21.53
C PHE C 18 -3.72 0.63 -22.13
N ARG C 19 -4.37 -0.28 -21.39
CA ARG C 19 -4.51 -1.67 -21.80
C ARG C 19 -5.28 -1.80 -23.12
N THR C 20 -4.62 -2.42 -24.10
CA THR C 20 -5.09 -2.59 -25.45
C THR C 20 -4.70 -4.00 -25.84
N ALA C 21 -5.47 -4.65 -26.72
CA ALA C 21 -5.03 -5.91 -27.29
C ALA C 21 -3.93 -5.57 -28.33
N VAL C 22 -2.66 -5.75 -27.99
CA VAL C 22 -1.60 -5.45 -28.96
C VAL C 22 -1.11 -6.69 -29.69
N ARG C 23 -0.93 -6.56 -31.00
N ARG C 23 -0.96 -6.57 -31.01
CA ARG C 23 -0.59 -7.71 -31.83
CA ARG C 23 -0.56 -7.68 -31.87
C ARG C 23 0.90 -7.70 -32.20
C ARG C 23 0.95 -7.69 -32.02
N VAL C 24 1.50 -6.50 -32.29
CA VAL C 24 2.89 -6.36 -32.72
C VAL C 24 3.71 -5.63 -31.64
N TYR C 25 4.78 -6.30 -31.19
CA TYR C 25 5.61 -5.82 -30.11
C TYR C 25 6.98 -5.41 -30.62
N LYS C 26 7.67 -4.58 -29.83
CA LYS C 26 9.08 -4.25 -30.03
C LYS C 26 9.90 -5.47 -29.67
N GLU C 27 11.17 -5.46 -30.07
CA GLU C 27 12.14 -6.49 -29.67
C GLU C 27 12.54 -6.40 -28.19
N GLU C 28 12.46 -5.19 -27.63
CA GLU C 28 12.73 -4.95 -26.21
C GLU C 28 12.07 -5.97 -25.27
N LYS C 29 12.88 -6.61 -24.44
CA LYS C 29 12.39 -7.64 -23.54
C LYS C 29 11.97 -7.10 -22.18
N ILE C 30 10.89 -7.63 -21.65
CA ILE C 30 10.43 -7.28 -20.30
C ILE C 30 11.46 -7.76 -19.31
N SER C 31 11.75 -6.94 -18.30
CA SER C 31 12.70 -7.36 -17.26
C SER C 31 12.20 -8.59 -16.47
N ASP C 32 13.15 -9.38 -15.98
CA ASP C 32 12.80 -10.51 -15.12
C ASP C 32 11.92 -10.11 -13.92
N GLU C 33 12.28 -9.03 -13.25
CA GLU C 33 11.51 -8.57 -12.10
C GLU C 33 10.06 -8.14 -12.43
N ASP C 34 9.84 -7.48 -13.56
CA ASP C 34 8.47 -7.19 -14.02
C ASP C 34 7.69 -8.50 -14.35
N LEU C 35 8.36 -9.42 -15.05
CA LEU C 35 7.75 -10.69 -15.41
C LEU C 35 7.35 -11.45 -14.14
N ALA C 36 8.24 -11.46 -13.14
CA ALA C 36 8.00 -12.21 -11.90
C ALA C 36 6.77 -11.66 -11.16
N LEU C 37 6.59 -10.34 -11.21
CA LEU C 37 5.44 -9.69 -10.57
C LEU C 37 4.13 -10.05 -11.26
N ILE C 38 4.13 -10.02 -12.59
CA ILE C 38 3.02 -10.47 -13.39
C ILE C 38 2.59 -11.91 -13.09
N LEU C 39 3.57 -12.80 -12.95
CA LEU C 39 3.31 -14.19 -12.56
C LEU C 39 2.85 -14.37 -11.11
N ASP C 40 3.40 -13.59 -10.18
CA ASP C 40 2.84 -13.47 -8.84
C ASP C 40 1.35 -13.15 -8.89
N ALA C 41 0.97 -12.21 -9.74
CA ALA C 41 -0.42 -11.82 -9.83
C ALA C 41 -1.32 -13.02 -10.22
N ALA C 42 -0.82 -13.91 -11.07
CA ALA C 42 -1.54 -15.12 -11.46
C ALA C 42 -1.60 -16.09 -10.28
N TRP C 43 -0.44 -16.38 -9.72
CA TRP C 43 -0.28 -17.35 -8.62
C TRP C 43 -1.12 -17.01 -7.39
N LEU C 44 -1.18 -15.72 -7.08
CA LEU C 44 -1.93 -15.23 -5.94
C LEU C 44 -3.40 -14.96 -6.23
N SER C 45 -3.86 -15.29 -7.44
CA SER C 45 -5.25 -15.10 -7.77
C SER C 45 -6.13 -16.06 -6.96
N PRO C 46 -7.39 -15.65 -6.71
CA PRO C 46 -8.31 -16.58 -6.06
C PRO C 46 -8.86 -17.58 -7.09
N SER C 47 -9.14 -18.79 -6.66
CA SER C 47 -9.81 -19.78 -7.49
C SER C 47 -10.92 -20.35 -6.64
N SER C 48 -12.00 -20.69 -7.33
CA SER C 48 -13.16 -21.30 -6.71
C SER C 48 -12.70 -22.48 -5.87
N ILE C 49 -13.25 -22.57 -4.66
CA ILE C 49 -12.83 -23.50 -3.60
C ILE C 49 -11.31 -23.60 -3.33
N GLY C 50 -10.52 -22.58 -3.70
CA GLY C 50 -9.05 -22.65 -3.56
C GLY C 50 -8.41 -23.86 -4.22
N LEU C 51 -9.00 -24.32 -5.33
CA LEU C 51 -8.48 -25.50 -6.07
C LEU C 51 -7.08 -25.25 -6.66
N GLU C 52 -6.86 -24.05 -7.18
CA GLU C 52 -5.62 -23.71 -7.91
C GLU C 52 -5.31 -24.81 -8.94
N GLY C 53 -6.36 -25.26 -9.65
CA GLY C 53 -6.23 -26.24 -10.70
C GLY C 53 -5.77 -25.56 -11.97
N TRP C 54 -4.58 -24.96 -11.91
CA TRP C 54 -4.07 -24.15 -13.00
C TRP C 54 -2.55 -24.13 -13.03
N ARG C 55 -2.00 -23.77 -14.19
CA ARG C 55 -0.56 -23.58 -14.34
C ARG C 55 -0.32 -22.46 -15.33
N PHE C 56 0.75 -21.70 -15.09
CA PHE C 56 1.14 -20.58 -15.92
C PHE C 56 2.56 -20.85 -16.42
N VAL C 57 2.66 -21.05 -17.74
CA VAL C 57 3.91 -21.47 -18.39
C VAL C 57 4.44 -20.40 -19.31
N VAL C 58 5.62 -19.91 -18.99
CA VAL C 58 6.35 -18.99 -19.85
C VAL C 58 6.96 -19.82 -20.99
N LEU C 59 6.43 -19.63 -22.20
CA LEU C 59 6.91 -20.38 -23.36
C LEU C 59 7.95 -19.57 -24.09
N ASP C 60 9.22 -19.83 -23.76
CA ASP C 60 10.37 -19.16 -24.35
C ASP C 60 10.90 -19.97 -25.53
N ASN C 61 10.54 -21.25 -25.57
CA ASN C 61 11.01 -22.14 -26.64
C ASN C 61 10.45 -21.78 -28.02
N LYS C 62 11.32 -21.32 -28.91
N LYS C 62 11.32 -21.32 -28.91
CA LYS C 62 10.92 -20.82 -30.23
CA LYS C 62 10.91 -20.82 -30.22
C LYS C 62 10.45 -21.89 -31.21
C LYS C 62 10.46 -21.89 -31.23
N PRO C 63 11.11 -23.08 -31.25
CA PRO C 63 10.59 -24.18 -32.10
C PRO C 63 9.14 -24.60 -31.77
N ILE C 64 8.79 -24.65 -30.48
CA ILE C 64 7.43 -24.96 -30.08
C ILE C 64 6.46 -23.83 -30.45
N LYS C 65 6.85 -22.58 -30.20
CA LYS C 65 6.09 -21.43 -30.70
C LYS C 65 5.82 -21.49 -32.22
N GLU C 66 6.85 -21.81 -33.01
CA GLU C 66 6.68 -21.88 -34.46
C GLU C 66 5.83 -23.06 -34.90
N GLU C 67 5.82 -24.14 -34.11
CA GLU C 67 4.97 -25.31 -34.36
C GLU C 67 3.49 -24.98 -34.13
N ILE C 68 3.22 -24.16 -33.13
CA ILE C 68 1.89 -23.69 -32.77
C ILE C 68 1.33 -22.69 -33.80
N LYS C 69 2.21 -21.82 -34.30
CA LYS C 69 1.83 -20.67 -35.13
C LYS C 69 0.86 -21.00 -36.27
N PRO C 70 1.11 -22.08 -37.05
CA PRO C 70 0.14 -22.38 -38.13
C PRO C 70 -1.29 -22.70 -37.64
N PHE C 71 -1.44 -23.07 -36.38
CA PHE C 71 -2.73 -23.43 -35.81
C PHE C 71 -3.33 -22.32 -34.94
N ALA C 72 -2.62 -21.19 -34.83
CA ALA C 72 -3.01 -20.07 -33.97
C ALA C 72 -3.27 -18.81 -34.76
N TRP C 73 -4.34 -18.80 -35.56
CA TRP C 73 -4.77 -17.62 -36.35
C TRP C 73 -4.82 -16.27 -35.60
N GLY C 74 -5.16 -16.28 -34.33
CA GLY C 74 -5.24 -15.02 -33.58
C GLY C 74 -3.95 -14.54 -32.95
N ALA C 75 -2.85 -15.22 -33.26
CA ALA C 75 -1.62 -15.06 -32.48
C ALA C 75 -0.34 -14.98 -33.31
N GLN C 76 -0.48 -14.64 -34.60
CA GLN C 76 0.64 -14.71 -35.57
C GLN C 76 1.76 -13.74 -35.19
N TYR C 77 1.43 -12.45 -35.17
CA TYR C 77 2.39 -11.42 -34.85
C TYR C 77 2.83 -11.49 -33.40
N GLN C 78 1.95 -12.00 -32.53
CA GLN C 78 2.26 -12.09 -31.10
C GLN C 78 3.34 -13.12 -30.85
N LEU C 79 3.19 -14.32 -31.43
CA LEU C 79 4.20 -15.36 -31.26
C LEU C 79 5.58 -14.98 -31.80
N GLU C 80 5.63 -14.21 -32.88
CA GLU C 80 6.92 -13.82 -33.45
C GLU C 80 7.59 -12.54 -32.86
N THR C 81 6.80 -11.65 -32.23
CA THR C 81 7.33 -10.39 -31.69
C THR C 81 7.29 -10.19 -30.16
N ALA C 82 6.38 -10.89 -29.46
CA ALA C 82 6.17 -10.65 -28.03
C ALA C 82 7.44 -10.89 -27.25
N SER C 83 7.73 -10.05 -26.29
CA SER C 83 8.80 -10.36 -25.34
C SER C 83 8.61 -11.73 -24.66
N HIS C 84 7.41 -11.94 -24.13
CA HIS C 84 7.10 -13.16 -23.42
C HIS C 84 5.73 -13.67 -23.81
N PHE C 85 5.60 -14.98 -23.72
CA PHE C 85 4.39 -15.64 -24.11
C PHE C 85 4.02 -16.64 -23.04
N ILE C 86 2.85 -16.44 -22.43
CA ILE C 86 2.37 -17.27 -21.30
C ILE C 86 1.23 -18.20 -21.79
N LEU C 87 1.29 -19.45 -21.35
CA LEU C 87 0.25 -20.44 -21.59
C LEU C 87 -0.51 -20.58 -20.27
N LEU C 88 -1.82 -20.42 -20.32
CA LEU C 88 -2.68 -20.62 -19.16
C LEU C 88 -3.32 -21.99 -19.24
N ILE C 89 -2.92 -22.86 -18.31
CA ILE C 89 -3.32 -24.24 -18.34
C ILE C 89 -4.32 -24.54 -17.24
N ALA C 90 -5.36 -25.31 -17.57
CA ALA C 90 -6.37 -25.70 -16.56
C ALA C 90 -6.44 -27.20 -16.38
N GLU C 91 -6.68 -27.63 -15.13
CA GLU C 91 -6.82 -29.06 -14.82
C GLU C 91 -8.11 -29.67 -15.36
N LYS C 92 -7.97 -30.89 -15.88
CA LYS C 92 -9.09 -31.66 -16.37
C LYS C 92 -9.62 -32.52 -15.24
N HIS C 93 -10.91 -32.86 -15.28
CA HIS C 93 -11.47 -33.87 -14.36
C HIS C 93 -11.38 -33.50 -12.88
N ALA C 94 -11.58 -32.21 -12.58
CA ALA C 94 -11.51 -31.73 -11.22
C ALA C 94 -12.86 -31.95 -10.51
N ARG C 95 -13.18 -33.25 -10.36
CA ARG C 95 -14.49 -33.68 -9.90
C ARG C 95 -14.44 -33.77 -8.37
N TYR C 96 -15.60 -33.71 -7.72
CA TYR C 96 -15.67 -33.63 -6.27
C TYR C 96 -14.93 -34.75 -5.54
N ASP C 97 -14.84 -35.92 -6.19
CA ASP C 97 -14.21 -37.10 -5.58
C ASP C 97 -12.77 -37.33 -6.10
N SER C 98 -12.21 -36.34 -6.79
CA SER C 98 -10.85 -36.42 -7.32
C SER C 98 -9.78 -36.01 -6.29
N PRO C 99 -8.53 -36.53 -6.43
CA PRO C 99 -7.38 -36.11 -5.58
C PRO C 99 -7.15 -34.60 -5.50
N ALA C 100 -7.23 -33.91 -6.64
CA ALA C 100 -7.05 -32.47 -6.68
C ALA C 100 -7.93 -31.75 -5.67
N ILE C 101 -9.20 -32.13 -5.58
CA ILE C 101 -10.17 -31.52 -4.67
C ILE C 101 -9.87 -31.82 -3.20
N LYS C 102 -9.57 -33.07 -2.90
CA LYS C 102 -9.23 -33.47 -1.52
C LYS C 102 -7.97 -32.71 -1.05
N ASN C 103 -6.94 -32.72 -1.90
CA ASN C 103 -5.72 -31.91 -1.69
C ASN C 103 -5.93 -30.42 -1.47
N SER C 104 -6.99 -29.86 -2.04
CA SER C 104 -7.25 -28.44 -1.87
C SER C 104 -7.72 -28.13 -0.45
N LEU C 105 -8.40 -29.09 0.16
CA LEU C 105 -8.81 -29.00 1.56
C LEU C 105 -7.67 -29.27 2.53
N LEU C 106 -6.92 -30.35 2.29
CA LEU C 106 -5.68 -30.60 3.03
C LEU C 106 -4.73 -29.40 3.02
N ARG C 107 -4.57 -28.77 1.84
CA ARG C 107 -3.76 -27.56 1.69
C ARG C 107 -4.18 -26.48 2.69
N ARG C 108 -5.46 -26.10 2.72
CA ARG C 108 -5.87 -25.03 3.65
C ARG C 108 -6.09 -25.47 5.09
N GLY C 109 -5.72 -26.71 5.42
CA GLY C 109 -5.66 -27.14 6.81
C GLY C 109 -6.90 -27.84 7.32
N ILE C 110 -7.79 -28.19 6.39
CA ILE C 110 -9.03 -28.91 6.70
C ILE C 110 -8.77 -30.42 6.67
N LYS C 111 -9.11 -31.09 7.76
CA LYS C 111 -8.63 -32.45 8.03
C LYS C 111 -9.66 -33.49 8.50
N GLU C 112 -10.23 -33.28 9.69
CA GLU C 112 -10.80 -34.37 10.54
C GLU C 112 -11.77 -35.36 9.89
N GLY C 113 -12.31 -35.02 8.72
CA GLY C 113 -13.30 -35.85 8.01
C GLY C 113 -14.66 -35.69 8.62
N ASP C 114 -14.73 -35.06 9.76
CA ASP C 114 -15.96 -34.50 10.14
C ASP C 114 -16.02 -33.46 9.07
N GLY C 115 -15.29 -32.35 9.33
CA GLY C 115 -15.25 -31.18 8.45
C GLY C 115 -14.68 -31.37 7.05
N LEU C 116 -13.79 -32.34 6.87
CA LEU C 116 -13.27 -32.66 5.55
C LEU C 116 -14.31 -33.38 4.68
N ASN C 117 -14.86 -34.48 5.19
CA ASN C 117 -15.89 -35.23 4.50
C ASN C 117 -17.18 -34.43 4.39
N SER C 118 -17.42 -33.58 5.38
CA SER C 118 -18.53 -32.63 5.36
C SER C 118 -18.45 -31.69 4.18
N ARG C 119 -17.23 -31.19 3.92
CA ARG C 119 -16.98 -30.26 2.84
C ARG C 119 -17.02 -30.96 1.49
N LEU C 120 -16.42 -32.15 1.40
CA LEU C 120 -16.51 -32.99 0.21
C LEU C 120 -17.96 -33.28 -0.20
N LYS C 121 -18.82 -33.56 0.79
CA LYS C 121 -20.27 -33.72 0.55
C LYS C 121 -20.89 -32.46 -0.04
N LEU C 122 -20.45 -31.30 0.44
CA LEU C 122 -20.91 -30.03 -0.09
C LEU C 122 -20.39 -29.79 -1.51
N TYR C 123 -19.11 -30.11 -1.74
CA TYR C 123 -18.52 -29.96 -3.08
C TYR C 123 -19.20 -30.88 -4.11
N GLU C 124 -19.72 -32.00 -3.64
CA GLU C 124 -20.45 -32.95 -4.47
C GLU C 124 -21.79 -32.36 -4.94
N SER C 125 -22.57 -31.83 -3.99
CA SER C 125 -23.81 -31.14 -4.32
C SER C 125 -23.54 -29.87 -5.14
N PHE C 126 -22.41 -29.20 -4.88
CA PHE C 126 -22.04 -28.02 -5.63
C PHE C 126 -21.87 -28.36 -7.14
N GLN C 127 -21.16 -29.44 -7.40
CA GLN C 127 -20.88 -29.85 -8.76
C GLN C 127 -22.04 -30.55 -9.46
N LYS C 128 -22.75 -31.40 -8.72
CA LYS C 128 -23.90 -32.12 -9.26
C LYS C 128 -25.17 -31.28 -9.42
N GLU C 129 -25.43 -30.39 -8.46
CA GLU C 129 -26.68 -29.63 -8.43
C GLU C 129 -26.49 -28.14 -8.75
N ASP C 130 -25.66 -27.45 -7.94
CA ASP C 130 -25.47 -26.00 -8.06
C ASP C 130 -25.00 -25.60 -9.43
N MSE C 131 -23.95 -26.29 -9.92
CA MSE C 131 -23.36 -25.91 -11.21
C MSE C 131 -23.66 -26.92 -12.32
O MSE C 131 -23.35 -26.68 -13.48
CB MSE C 131 -21.85 -25.72 -11.06
CG MSE C 131 -21.47 -24.49 -10.20
SE MSE C 131 -19.96 -23.53 -11.00
CE MSE C 131 -20.99 -22.76 -12.43
N ASP C 132 -24.26 -28.04 -11.94
CA ASP C 132 -24.74 -29.06 -12.85
C ASP C 132 -23.66 -29.50 -13.87
N MSE C 133 -22.51 -29.91 -13.36
CA MSE C 133 -21.38 -30.22 -14.24
C MSE C 133 -20.63 -31.50 -13.90
O MSE C 133 -19.68 -31.84 -14.59
CB MSE C 133 -20.37 -29.08 -14.16
CG MSE C 133 -19.79 -28.89 -12.77
SE MSE C 133 -18.65 -27.34 -12.85
CE MSE C 133 -18.03 -27.37 -11.05
N ALA C 134 -21.03 -32.18 -12.83
CA ALA C 134 -20.22 -33.28 -12.28
C ALA C 134 -19.97 -34.43 -13.25
N ASP C 135 -20.95 -34.70 -14.10
CA ASP C 135 -20.87 -35.84 -15.04
C ASP C 135 -20.71 -35.36 -16.49
N ASN C 136 -20.21 -34.13 -16.62
CA ASN C 136 -19.92 -33.47 -17.88
C ASN C 136 -18.46 -32.98 -17.84
N PRO C 137 -17.52 -33.85 -18.25
CA PRO C 137 -16.07 -33.55 -18.20
C PRO C 137 -15.70 -32.27 -18.94
N ARG C 138 -16.36 -31.97 -20.04
CA ARG C 138 -16.15 -30.71 -20.75
C ARG C 138 -16.56 -29.49 -19.91
N ALA C 139 -17.68 -29.62 -19.18
CA ALA C 139 -18.10 -28.60 -18.22
C ALA C 139 -17.14 -28.45 -17.03
N LEU C 140 -16.62 -29.56 -16.54
CA LEU C 140 -15.69 -29.55 -15.43
C LEU C 140 -14.40 -28.92 -15.87
N PHE C 141 -14.00 -29.18 -17.13
CA PHE C 141 -12.83 -28.49 -17.68
C PHE C 141 -13.09 -26.99 -17.86
N ASP C 142 -14.24 -26.63 -18.41
CA ASP C 142 -14.56 -25.22 -18.60
C ASP C 142 -14.60 -24.46 -17.29
N TRP C 143 -14.95 -25.15 -16.21
CA TRP C 143 -15.01 -24.58 -14.89
C TRP C 143 -13.62 -24.22 -14.35
N THR C 144 -12.64 -25.13 -14.44
CA THR C 144 -11.28 -24.77 -14.04
C THR C 144 -10.72 -23.70 -15.01
N ALA C 145 -11.05 -23.83 -16.30
CA ALA C 145 -10.65 -22.85 -17.29
C ALA C 145 -11.14 -21.46 -16.93
N LYS C 146 -12.39 -21.35 -16.47
CA LYS C 146 -12.94 -20.07 -15.98
C LYS C 146 -12.05 -19.39 -14.94
N GLN C 147 -11.45 -20.17 -14.05
CA GLN C 147 -10.66 -19.57 -12.97
C GLN C 147 -9.39 -18.98 -13.53
N THR C 148 -8.87 -19.56 -14.59
CA THR C 148 -7.67 -18.98 -15.24
C THR C 148 -7.97 -17.61 -15.83
N TYR C 149 -9.22 -17.35 -16.14
CA TYR C 149 -9.59 -16.04 -16.65
C TYR C 149 -9.49 -14.94 -15.59
N ILE C 150 -9.71 -15.27 -14.32
CA ILE C 150 -9.40 -14.33 -13.25
C ILE C 150 -7.91 -13.93 -13.28
N ALA C 151 -7.04 -14.94 -13.37
CA ALA C 151 -5.61 -14.74 -13.33
C ALA C 151 -5.16 -13.98 -14.59
N LEU C 152 -5.82 -14.26 -15.70
CA LEU C 152 -5.65 -13.51 -16.95
C LEU C 152 -5.91 -12.03 -16.79
N GLY C 153 -7.04 -11.69 -16.13
CA GLY C 153 -7.38 -10.30 -15.80
C GLY C 153 -6.31 -9.66 -14.89
N ASN C 154 -5.99 -10.35 -13.81
CA ASN C 154 -4.95 -9.92 -12.87
C ASN C 154 -3.57 -9.68 -13.47
N MSE C 155 -3.14 -10.55 -14.40
CA MSE C 155 -1.87 -10.40 -15.10
C MSE C 155 -1.87 -9.19 -16.01
O MSE C 155 -0.91 -8.45 -16.08
CB MSE C 155 -1.48 -11.66 -15.90
CG MSE C 155 -0.88 -12.74 -15.05
SE MSE C 155 -0.12 -14.21 -16.07
CE MSE C 155 -1.72 -15.00 -16.80
N MSE C 156 -2.97 -9.00 -16.74
CA MSE C 156 -3.09 -7.86 -17.65
C MSE C 156 -3.19 -6.48 -16.94
O MSE C 156 -2.66 -5.49 -17.45
CB MSE C 156 -4.29 -8.06 -18.58
CG MSE C 156 -4.11 -9.19 -19.61
SE MSE C 156 -5.55 -9.14 -20.92
CE MSE C 156 -7.01 -9.66 -19.71
N MSE C 157 -3.90 -6.43 -15.81
N MSE C 157 -3.88 -6.43 -15.82
CA MSE C 157 -3.98 -5.20 -15.03
CA MSE C 157 -3.99 -5.18 -15.05
C MSE C 157 -2.60 -4.87 -14.43
C MSE C 157 -2.64 -4.85 -14.37
O MSE C 157 -2.14 -3.74 -14.52
O MSE C 157 -2.22 -3.70 -14.36
CB MSE C 157 -5.02 -5.32 -13.91
CB MSE C 157 -5.14 -5.27 -14.05
CG MSE C 157 -5.10 -4.11 -13.01
CG MSE C 157 -5.14 -4.24 -12.95
SE MSE C 157 -5.69 -2.53 -13.98
SE MSE C 157 -6.88 -3.40 -12.73
CE MSE C 157 -7.47 -3.16 -14.37
CE MSE C 157 -6.40 -1.63 -13.36
N THR C 158 -1.98 -5.87 -13.82
CA THR C 158 -0.61 -5.75 -13.29
C THR C 158 0.35 -5.24 -14.38
N ALA C 159 0.36 -5.92 -15.54
CA ALA C 159 1.14 -5.52 -16.69
C ALA C 159 0.84 -4.07 -17.03
N ALA C 160 -0.45 -3.72 -17.15
CA ALA C 160 -0.86 -2.36 -17.50
C ALA C 160 -0.37 -1.29 -16.50
N LEU C 161 -0.50 -1.54 -15.20
CA LEU C 161 0.05 -0.62 -14.19
C LEU C 161 1.58 -0.38 -14.33
N LEU C 162 2.27 -1.35 -14.89
CA LEU C 162 3.70 -1.32 -15.15
C LEU C 162 4.07 -0.73 -16.51
N GLY C 163 3.08 -0.34 -17.30
CA GLY C 163 3.36 0.18 -18.63
C GLY C 163 3.71 -0.97 -19.58
N ILE C 164 3.33 -2.20 -19.22
CA ILE C 164 3.57 -3.35 -20.10
C ILE C 164 2.33 -3.74 -20.91
N ASP C 165 2.52 -3.95 -22.22
CA ASP C 165 1.43 -4.34 -23.12
C ASP C 165 1.17 -5.83 -23.14
N THR C 166 -0.09 -6.20 -23.38
CA THR C 166 -0.48 -7.61 -23.38
C THR C 166 -1.45 -7.89 -24.50
N CYS C 167 -1.68 -9.17 -24.78
CA CYS C 167 -2.84 -9.60 -25.61
C CYS C 167 -3.38 -10.93 -25.10
N PRO C 168 -4.63 -10.94 -24.66
CA PRO C 168 -5.27 -12.21 -24.31
C PRO C 168 -5.62 -12.97 -25.59
N ILE C 169 -5.41 -14.28 -25.63
CA ILE C 169 -5.54 -15.01 -26.90
C ILE C 169 -6.32 -16.31 -26.74
N GLU C 170 -7.37 -16.47 -27.54
CA GLU C 170 -8.12 -17.72 -27.69
C GLU C 170 -8.08 -18.24 -29.12
N GLY C 171 -7.56 -17.43 -30.05
CA GLY C 171 -7.73 -17.70 -31.48
C GLY C 171 -6.77 -18.75 -31.96
N PHE C 172 -7.01 -19.99 -31.57
CA PHE C 172 -6.15 -21.11 -31.97
C PHE C 172 -6.92 -22.42 -31.92
N HIS C 173 -6.41 -23.45 -32.59
CA HIS C 173 -7.04 -24.76 -32.55
C HIS C 173 -6.62 -25.45 -31.25
N TYR C 174 -7.58 -25.63 -30.33
CA TYR C 174 -7.24 -26.14 -29.00
C TYR C 174 -6.74 -27.58 -29.01
N ASP C 175 -7.44 -28.44 -29.75
CA ASP C 175 -7.06 -29.85 -29.83
C ASP C 175 -5.64 -30.00 -30.42
N LYS C 176 -5.38 -29.36 -31.54
CA LYS C 176 -4.04 -29.40 -32.14
C LYS C 176 -2.94 -28.80 -31.24
N VAL C 177 -3.20 -27.62 -30.67
CA VAL C 177 -2.24 -26.99 -29.78
C VAL C 177 -1.99 -27.86 -28.56
N ASN C 178 -3.06 -28.39 -27.95
CA ASN C 178 -2.92 -29.37 -26.87
C ASN C 178 -2.01 -30.59 -27.22
N HIS C 179 -2.15 -31.12 -28.42
CA HIS C 179 -1.31 -32.27 -28.83
C HIS C 179 0.15 -31.87 -29.08
N ILE C 180 0.40 -30.67 -29.58
CA ILE C 180 1.77 -30.17 -29.69
C ILE C 180 2.43 -30.05 -28.31
N LEU C 181 1.67 -29.53 -27.34
CA LEU C 181 2.21 -29.32 -25.98
C LEU C 181 2.41 -30.66 -25.27
N ALA C 182 1.48 -31.59 -25.48
CA ALA C 182 1.58 -32.96 -24.97
C ALA C 182 2.83 -33.67 -25.53
N LYS C 183 2.99 -33.60 -26.86
CA LYS C 183 4.15 -34.15 -27.59
C LYS C 183 5.47 -33.72 -26.98
N HIS C 184 5.53 -32.44 -26.60
CA HIS C 184 6.76 -31.84 -26.08
C HIS C 184 6.86 -31.90 -24.57
N ASN C 185 5.95 -32.65 -23.94
CA ASN C 185 5.92 -32.77 -22.47
C ASN C 185 5.74 -31.49 -21.68
N VAL C 186 5.16 -30.48 -22.33
CA VAL C 186 4.83 -29.21 -21.67
C VAL C 186 3.59 -29.38 -20.76
N ILE C 187 2.68 -30.24 -21.19
CA ILE C 187 1.48 -30.58 -20.45
C ILE C 187 1.30 -32.08 -20.46
N ASP C 188 0.52 -32.56 -19.50
CA ASP C 188 0.11 -33.96 -19.46
C ASP C 188 -1.36 -33.92 -19.84
N LEU C 189 -1.67 -34.30 -21.07
CA LEU C 189 -3.01 -34.10 -21.61
C LEU C 189 -4.09 -34.97 -20.93
N GLU C 190 -3.68 -36.00 -20.18
CA GLU C 190 -4.67 -36.73 -19.39
C GLU C 190 -5.18 -35.92 -18.19
N LYS C 191 -4.38 -34.97 -17.71
CA LYS C 191 -4.63 -34.28 -16.44
C LYS C 191 -4.98 -32.80 -16.60
N GLU C 192 -4.69 -32.21 -17.75
CA GLU C 192 -4.84 -30.76 -17.94
C GLU C 192 -4.92 -30.44 -19.42
N GLY C 193 -5.31 -29.23 -19.75
CA GLY C 193 -5.38 -28.78 -21.14
C GLY C 193 -5.23 -27.28 -21.15
N ILE C 194 -4.93 -26.71 -22.32
CA ILE C 194 -4.81 -25.28 -22.45
C ILE C 194 -6.16 -24.50 -22.34
N ALA C 195 -6.13 -23.40 -21.62
CA ALA C 195 -7.32 -22.55 -21.50
C ALA C 195 -7.19 -21.31 -22.40
N SER C 196 -6.01 -20.73 -22.45
CA SER C 196 -5.74 -19.56 -23.26
C SER C 196 -4.24 -19.24 -23.31
N MSE C 197 -3.90 -18.21 -24.08
CA MSE C 197 -2.55 -17.70 -24.19
C MSE C 197 -2.57 -16.23 -23.84
O MSE C 197 -3.58 -15.55 -23.97
CB MSE C 197 -2.03 -17.83 -25.61
CG MSE C 197 -2.00 -19.23 -26.08
SE MSE C 197 -1.47 -19.43 -27.91
CE MSE C 197 -1.43 -21.35 -27.85
N LEU C 198 -1.41 -15.75 -23.41
CA LEU C 198 -1.24 -14.33 -23.15
C LEU C 198 0.14 -13.89 -23.66
N SER C 199 0.17 -12.90 -24.53
CA SER C 199 1.43 -12.35 -24.97
C SER C 199 1.73 -11.06 -24.19
N LEU C 200 3.01 -10.81 -23.91
CA LEU C 200 3.41 -9.62 -23.15
C LEU C 200 4.60 -8.95 -23.82
N GLY C 201 4.66 -7.63 -23.73
CA GLY C 201 5.79 -6.91 -24.33
C GLY C 201 5.53 -5.43 -24.34
N TYR C 202 6.26 -4.71 -25.18
CA TYR C 202 6.08 -3.28 -25.35
C TYR C 202 5.55 -3.04 -26.77
N ARG C 203 4.40 -2.39 -26.91
CA ARG C 203 3.81 -2.21 -28.24
C ARG C 203 4.82 -1.56 -29.21
N LEU C 204 4.79 -1.98 -30.47
CA LEU C 204 5.61 -1.33 -31.47
C LEU C 204 5.08 0.07 -31.80
N ARG C 205 3.76 0.19 -31.93
CA ARG C 205 3.10 1.44 -32.33
C ARG C 205 1.85 1.70 -31.50
N ASP C 206 1.49 2.97 -31.34
CA ASP C 206 0.22 3.27 -30.64
C ASP C 206 -0.98 2.88 -31.50
N PRO C 207 -2.18 2.85 -30.90
CA PRO C 207 -3.35 2.56 -31.73
C PRO C 207 -3.86 3.81 -32.45
N ALA C 210 -8.32 3.14 -31.36
CA ALA C 210 -9.36 3.72 -30.51
C ALA C 210 -10.26 2.64 -29.89
N GLN C 211 -10.37 2.66 -28.56
CA GLN C 211 -11.02 1.58 -27.80
C GLN C 211 -12.54 1.71 -27.94
N VAL C 212 -13.18 0.66 -28.45
CA VAL C 212 -14.65 0.67 -28.51
C VAL C 212 -15.33 -0.33 -27.56
N ARG C 213 -16.37 0.17 -26.90
CA ARG C 213 -17.18 -0.67 -26.03
C ARG C 213 -18.65 -0.33 -26.28
N LYS C 214 -19.53 -1.24 -25.86
CA LYS C 214 -20.95 -0.97 -25.82
C LYS C 214 -21.19 0.28 -24.96
N PRO C 215 -22.28 1.01 -25.19
CA PRO C 215 -22.66 2.09 -24.26
C PRO C 215 -22.75 1.52 -22.83
N LYS C 216 -22.34 2.27 -21.81
CA LYS C 216 -22.26 1.66 -20.47
C LYS C 216 -23.62 1.25 -19.88
N GLU C 217 -24.66 2.03 -20.17
CA GLU C 217 -26.04 1.65 -19.86
C GLU C 217 -26.41 0.24 -20.33
N GLU C 218 -25.83 -0.21 -21.45
CA GLU C 218 -26.11 -1.56 -21.99
C GLU C 218 -25.40 -2.64 -21.19
N VAL C 219 -24.43 -2.23 -20.37
CA VAL C 219 -23.57 -3.19 -19.68
C VAL C 219 -23.73 -3.22 -18.15
N MSE C 220 -23.82 -2.05 -17.55
N MSE C 220 -23.76 -2.05 -17.52
CA MSE C 220 -23.90 -1.89 -16.09
CA MSE C 220 -23.94 -1.99 -16.07
C MSE C 220 -25.22 -1.27 -15.65
C MSE C 220 -25.27 -1.37 -15.71
O MSE C 220 -25.74 -0.37 -16.32
O MSE C 220 -25.84 -0.58 -16.47
CB MSE C 220 -22.71 -1.07 -15.56
CB MSE C 220 -22.82 -1.22 -15.37
CG MSE C 220 -22.70 0.39 -16.04
CG MSE C 220 -22.33 -0.01 -16.11
SE MSE C 220 -21.26 1.45 -15.27
SE MSE C 220 -20.55 -0.40 -16.79
CE MSE C 220 -19.73 0.48 -15.92
CE MSE C 220 -19.60 0.90 -15.72
N SER C 221 -25.75 -1.76 -14.54
CA SER C 221 -27.01 -1.26 -14.00
C SER C 221 -27.12 -1.57 -12.52
N VAL C 222 -28.13 -0.96 -11.92
CA VAL C 222 -28.39 -1.10 -10.51
C VAL C 222 -29.82 -1.55 -10.39
N VAL C 223 -30.05 -2.48 -9.47
CA VAL C 223 -31.39 -2.91 -9.11
C VAL C 223 -31.67 -2.37 -7.71
N LYS C 224 -32.53 -1.34 -7.67
CA LYS C 224 -33.17 -0.74 -6.46
C LYS C 224 -33.23 0.81 -6.54
N ALA D 3 13.87 0.37 -16.68
CA ALA D 3 14.14 0.25 -15.21
C ALA D 3 12.89 -0.16 -14.42
N MSE D 4 13.08 -1.06 -13.45
CA MSE D 4 12.02 -1.48 -12.52
C MSE D 4 11.59 -0.28 -11.69
O MSE D 4 12.42 0.46 -11.16
CB MSE D 4 12.54 -2.59 -11.62
CG MSE D 4 11.59 -3.10 -10.53
SE MSE D 4 12.72 -4.08 -9.24
CE MSE D 4 11.48 -5.40 -8.42
N ASP D 5 10.27 -0.08 -11.58
N ASP D 5 10.28 -0.08 -11.60
CA ASP D 5 9.74 1.03 -10.81
CA ASP D 5 9.72 1.02 -10.82
C ASP D 5 9.24 0.50 -9.48
C ASP D 5 9.23 0.46 -9.48
N GLN D 6 10.11 0.52 -8.48
CA GLN D 6 9.87 -0.14 -7.19
C GLN D 6 8.61 0.30 -6.44
N THR D 7 8.24 1.57 -6.55
CA THR D 7 7.01 2.01 -5.86
C THR D 7 5.76 1.35 -6.42
N ILE D 8 5.71 1.16 -7.74
CA ILE D 8 4.60 0.44 -8.34
C ILE D 8 4.62 -1.05 -7.99
N HIS D 9 5.81 -1.65 -7.94
CA HIS D 9 5.89 -3.04 -7.53
C HIS D 9 5.31 -3.23 -6.15
N HIS D 10 5.70 -2.35 -5.24
CA HIS D 10 5.21 -2.32 -3.87
C HIS D 10 3.72 -2.19 -3.78
N GLN D 11 3.16 -1.21 -4.47
CA GLN D 11 1.71 -1.01 -4.51
C GLN D 11 0.94 -2.26 -4.98
N ILE D 12 1.48 -2.97 -5.96
CA ILE D 12 0.83 -4.16 -6.54
C ILE D 12 0.98 -5.33 -5.59
N GLN D 13 2.19 -5.55 -5.09
CA GLN D 13 2.40 -6.61 -4.12
C GLN D 13 1.51 -6.41 -2.89
N GLN D 14 1.35 -5.16 -2.47
CA GLN D 14 0.51 -4.86 -1.35
C GLN D 14 -0.92 -5.24 -1.64
N ALA D 15 -1.41 -4.90 -2.83
CA ALA D 15 -2.79 -5.24 -3.24
C ALA D 15 -3.01 -6.73 -3.36
N LEU D 16 -1.97 -7.44 -3.87
CA LEU D 16 -2.03 -8.90 -4.11
C LEU D 16 -2.12 -9.66 -2.78
N HIS D 17 -1.45 -9.12 -1.76
CA HIS D 17 -1.45 -9.68 -0.41
C HIS D 17 -2.62 -9.19 0.48
N PHE D 18 -3.15 -8.01 0.16
CA PHE D 18 -4.31 -7.47 0.86
C PHE D 18 -5.59 -8.23 0.47
N ARG D 19 -5.75 -8.52 -0.81
CA ARG D 19 -6.96 -9.17 -1.29
C ARG D 19 -7.11 -10.58 -0.70
N THR D 20 -8.23 -10.82 -0.06
CA THR D 20 -8.56 -12.11 0.51
C THR D 20 -10.07 -12.25 0.30
N ALA D 21 -10.56 -13.49 0.30
CA ALA D 21 -12.00 -13.73 0.18
C ALA D 21 -12.67 -13.38 1.51
N VAL D 22 -13.32 -12.23 1.57
CA VAL D 22 -13.88 -11.75 2.85
C VAL D 22 -15.37 -12.10 2.92
N ARG D 23 -15.78 -12.72 4.01
N ARG D 23 -15.80 -12.69 4.02
CA ARG D 23 -17.19 -13.11 4.20
CA ARG D 23 -17.20 -13.05 4.16
C ARG D 23 -17.99 -12.06 4.96
C ARG D 23 -17.99 -12.01 4.95
N VAL D 24 -17.38 -11.48 6.00
CA VAL D 24 -18.04 -10.50 6.89
C VAL D 24 -17.52 -9.07 6.73
N TYR D 25 -18.43 -8.18 6.31
CA TYR D 25 -18.11 -6.79 6.10
C TYR D 25 -18.69 -5.93 7.21
N LYS D 26 -18.05 -4.79 7.39
CA LYS D 26 -18.54 -3.83 8.34
C LYS D 26 -19.70 -3.07 7.68
N GLU D 27 -20.45 -2.31 8.47
CA GLU D 27 -21.60 -1.58 7.95
C GLU D 27 -21.26 -0.43 6.98
N GLU D 28 -19.98 -0.05 6.94
CA GLU D 28 -19.46 1.03 6.10
C GLU D 28 -19.69 0.88 4.60
N LYS D 29 -20.18 1.97 4.00
CA LYS D 29 -20.51 1.99 2.59
C LYS D 29 -19.36 2.49 1.71
N ILE D 30 -19.18 1.81 0.58
CA ILE D 30 -18.25 2.21 -0.46
C ILE D 30 -18.78 3.47 -1.12
N SER D 31 -17.89 4.41 -1.42
CA SER D 31 -18.29 5.66 -2.05
C SER D 31 -18.74 5.47 -3.49
N ASP D 32 -19.64 6.35 -3.93
CA ASP D 32 -20.07 6.45 -5.33
C ASP D 32 -18.88 6.38 -6.30
N GLU D 33 -17.86 7.20 -6.03
CA GLU D 33 -16.68 7.32 -6.89
C GLU D 33 -15.88 6.01 -7.01
N ASP D 34 -15.69 5.35 -5.87
CA ASP D 34 -14.94 4.10 -5.80
C ASP D 34 -15.69 2.99 -6.53
N LEU D 35 -16.99 2.88 -6.28
CA LEU D 35 -17.86 1.95 -7.01
C LEU D 35 -17.85 2.21 -8.53
N ALA D 36 -17.96 3.47 -8.93
CA ALA D 36 -17.95 3.79 -10.37
C ALA D 36 -16.65 3.34 -11.07
N LEU D 37 -15.52 3.46 -10.39
CA LEU D 37 -14.23 3.01 -10.92
C LEU D 37 -14.12 1.48 -11.04
N ILE D 38 -14.60 0.78 -10.02
CA ILE D 38 -14.65 -0.66 -10.05
C ILE D 38 -15.51 -1.18 -11.22
N LEU D 39 -16.64 -0.54 -11.47
CA LEU D 39 -17.53 -0.96 -12.54
C LEU D 39 -16.97 -0.58 -13.92
N ASP D 40 -16.25 0.54 -13.97
CA ASP D 40 -15.47 0.93 -15.16
C ASP D 40 -14.42 -0.10 -15.50
N ALA D 41 -13.79 -0.70 -14.48
CA ALA D 41 -12.82 -1.79 -14.71
C ALA D 41 -13.49 -2.97 -15.46
N ALA D 42 -14.73 -3.32 -15.07
CA ALA D 42 -15.49 -4.41 -15.73
C ALA D 42 -15.84 -4.04 -17.17
N TRP D 43 -16.47 -2.89 -17.33
CA TRP D 43 -16.92 -2.40 -18.61
C TRP D 43 -15.80 -2.27 -19.64
N LEU D 44 -14.62 -1.85 -19.20
CA LEU D 44 -13.47 -1.69 -20.09
C LEU D 44 -12.59 -2.96 -20.17
N SER D 45 -12.99 -4.02 -19.50
CA SER D 45 -12.31 -5.31 -19.63
C SER D 45 -12.35 -5.83 -21.09
N PRO D 46 -11.30 -6.58 -21.51
CA PRO D 46 -11.33 -7.19 -22.84
C PRO D 46 -12.18 -8.45 -22.83
N SER D 47 -12.83 -8.76 -23.94
CA SER D 47 -13.56 -10.01 -24.03
C SER D 47 -13.25 -10.62 -25.39
N SER D 48 -13.32 -11.94 -25.50
CA SER D 48 -13.01 -12.63 -26.77
C SER D 48 -13.84 -12.03 -27.87
N ILE D 49 -13.15 -11.69 -28.97
CA ILE D 49 -13.69 -11.04 -30.20
C ILE D 49 -14.50 -9.75 -29.97
N GLY D 50 -14.27 -9.11 -28.82
CA GLY D 50 -14.94 -7.85 -28.44
C GLY D 50 -16.45 -7.99 -28.34
N LEU D 51 -16.90 -9.20 -27.99
CA LEU D 51 -18.33 -9.48 -27.91
C LEU D 51 -19.04 -8.63 -26.85
N GLU D 52 -18.44 -8.51 -25.66
CA GLU D 52 -19.07 -7.85 -24.52
C GLU D 52 -20.43 -8.48 -24.23
N GLY D 53 -20.47 -9.80 -24.26
CA GLY D 53 -21.70 -10.54 -24.00
C GLY D 53 -21.85 -10.73 -22.51
N TRP D 54 -21.94 -9.61 -21.80
CA TRP D 54 -21.92 -9.63 -20.34
C TRP D 54 -22.69 -8.44 -19.76
N ARG D 55 -23.19 -8.61 -18.55
CA ARG D 55 -23.75 -7.48 -17.83
C ARG D 55 -23.30 -7.58 -16.40
N PHE D 56 -23.21 -6.44 -15.74
CA PHE D 56 -22.76 -6.34 -14.36
C PHE D 56 -23.84 -5.56 -13.65
N VAL D 57 -24.55 -6.22 -12.74
CA VAL D 57 -25.61 -5.51 -12.02
C VAL D 57 -25.40 -5.39 -10.54
N VAL D 58 -25.54 -4.15 -10.09
CA VAL D 58 -25.45 -3.82 -8.68
C VAL D 58 -26.81 -4.15 -8.08
N LEU D 59 -26.83 -5.17 -7.23
CA LEU D 59 -28.03 -5.65 -6.56
C LEU D 59 -28.13 -4.98 -5.21
N ASP D 60 -28.86 -3.87 -5.18
CA ASP D 60 -29.06 -3.12 -3.95
C ASP D 60 -30.33 -3.56 -3.21
N ASN D 61 -31.27 -4.16 -3.96
CA ASN D 61 -32.55 -4.62 -3.47
C ASN D 61 -32.43 -5.74 -2.44
N LYS D 62 -32.86 -5.45 -1.22
N LYS D 62 -32.85 -5.46 -1.20
CA LYS D 62 -32.72 -6.35 -0.06
CA LYS D 62 -32.68 -6.40 -0.10
C LYS D 62 -33.63 -7.58 -0.14
C LYS D 62 -33.63 -7.60 -0.12
N PRO D 63 -34.91 -7.40 -0.51
CA PRO D 63 -35.79 -8.57 -0.75
C PRO D 63 -35.26 -9.60 -1.76
N ILE D 64 -34.66 -9.15 -2.87
CA ILE D 64 -34.08 -10.13 -3.79
C ILE D 64 -32.90 -10.88 -3.14
N LYS D 65 -32.06 -10.15 -2.42
CA LYS D 65 -30.90 -10.74 -1.76
C LYS D 65 -31.32 -11.80 -0.75
N GLU D 66 -32.39 -11.50 -0.02
CA GLU D 66 -32.95 -12.46 0.95
C GLU D 66 -33.60 -13.66 0.28
N GLU D 67 -34.22 -13.46 -0.88
CA GLU D 67 -34.79 -14.57 -1.65
C GLU D 67 -33.71 -15.52 -2.18
N ILE D 68 -32.60 -14.95 -2.60
CA ILE D 68 -31.44 -15.71 -3.08
C ILE D 68 -30.74 -16.47 -1.96
N LYS D 69 -30.64 -15.84 -0.81
CA LYS D 69 -29.87 -16.34 0.32
C LYS D 69 -29.98 -17.82 0.68
N PRO D 70 -31.21 -18.38 0.82
CA PRO D 70 -31.26 -19.81 1.18
C PRO D 70 -30.66 -20.76 0.15
N PHE D 71 -30.48 -20.28 -1.09
CA PHE D 71 -29.87 -21.08 -2.15
C PHE D 71 -28.40 -20.75 -2.41
N ALA D 72 -27.81 -19.89 -1.58
CA ALA D 72 -26.42 -19.48 -1.75
C ALA D 72 -25.57 -19.84 -0.55
N TRP D 73 -25.23 -21.12 -0.41
CA TRP D 73 -24.40 -21.60 0.70
C TRP D 73 -23.09 -20.83 0.89
N GLY D 74 -22.52 -20.33 -0.21
CA GLY D 74 -21.25 -19.59 -0.19
C GLY D 74 -21.36 -18.09 0.01
N ALA D 75 -22.58 -17.59 0.23
CA ALA D 75 -22.81 -16.15 0.22
C ALA D 75 -23.63 -15.59 1.36
N GLN D 76 -23.88 -16.41 2.38
N GLN D 76 -23.91 -16.40 2.39
CA GLN D 76 -24.79 -16.06 3.47
CA GLN D 76 -24.81 -15.97 3.46
C GLN D 76 -24.38 -14.74 4.15
C GLN D 76 -24.35 -14.66 4.09
N TYR D 77 -23.15 -14.67 4.66
CA TYR D 77 -22.63 -13.48 5.36
C TYR D 77 -22.46 -12.31 4.43
N GLN D 78 -22.00 -12.61 3.21
CA GLN D 78 -21.73 -11.58 2.24
C GLN D 78 -23.00 -10.86 1.87
N LEU D 79 -24.06 -11.61 1.56
CA LEU D 79 -25.34 -11.02 1.19
C LEU D 79 -25.89 -10.14 2.32
N GLU D 80 -25.66 -10.55 3.56
CA GLU D 80 -26.16 -9.83 4.72
C GLU D 80 -25.35 -8.58 5.06
N THR D 81 -24.05 -8.59 4.80
CA THR D 81 -23.17 -7.55 5.36
C THR D 81 -22.46 -6.67 4.34
N ALA D 82 -22.28 -7.17 3.10
CA ALA D 82 -21.51 -6.43 2.11
C ALA D 82 -22.13 -5.08 1.83
N SER D 83 -21.27 -4.09 1.60
CA SER D 83 -21.69 -2.77 1.16
C SER D 83 -22.41 -2.89 -0.17
N HIS D 84 -21.79 -3.61 -1.10
CA HIS D 84 -22.35 -3.81 -2.43
C HIS D 84 -22.21 -5.23 -2.86
N PHE D 85 -23.10 -5.61 -3.77
CA PHE D 85 -23.15 -6.96 -4.26
C PHE D 85 -23.37 -6.86 -5.76
N ILE D 86 -22.48 -7.48 -6.53
CA ILE D 86 -22.55 -7.41 -7.98
C ILE D 86 -22.84 -8.79 -8.58
N LEU D 87 -23.80 -8.81 -9.50
CA LEU D 87 -24.16 -9.99 -10.27
C LEU D 87 -23.42 -9.90 -11.62
N LEU D 88 -22.64 -10.94 -11.94
CA LEU D 88 -21.98 -11.04 -13.24
C LEU D 88 -22.84 -11.95 -14.13
N ILE D 89 -23.28 -11.40 -15.26
CA ILE D 89 -24.24 -12.08 -16.14
C ILE D 89 -23.61 -12.25 -17.54
N ALA D 90 -23.74 -13.45 -18.10
CA ALA D 90 -23.20 -13.75 -19.43
C ALA D 90 -24.31 -14.10 -20.42
N GLU D 91 -24.11 -13.72 -21.69
CA GLU D 91 -25.09 -13.94 -22.74
C GLU D 91 -25.13 -15.39 -23.18
N LYS D 92 -26.33 -15.89 -23.48
CA LYS D 92 -26.56 -17.23 -24.03
C LYS D 92 -26.60 -17.17 -25.55
N HIS D 93 -26.38 -18.32 -26.18
CA HIS D 93 -26.59 -18.48 -27.62
C HIS D 93 -25.76 -17.53 -28.48
N ALA D 94 -24.54 -17.23 -28.06
CA ALA D 94 -23.62 -16.37 -28.83
C ALA D 94 -22.93 -17.13 -29.95
N ARG D 95 -23.71 -17.77 -30.80
CA ARG D 95 -23.21 -18.53 -31.91
C ARG D 95 -22.67 -17.55 -32.97
N TYR D 96 -21.77 -18.04 -33.81
CA TYR D 96 -21.12 -17.25 -34.85
C TYR D 96 -22.07 -16.48 -35.74
N ASP D 97 -23.25 -17.06 -36.00
CA ASP D 97 -24.27 -16.46 -36.85
C ASP D 97 -25.33 -15.63 -36.09
N SER D 98 -25.07 -15.30 -34.84
CA SER D 98 -26.02 -14.59 -33.99
C SER D 98 -25.98 -13.07 -34.18
N PRO D 99 -27.10 -12.39 -33.85
CA PRO D 99 -27.13 -10.92 -33.85
C PRO D 99 -26.04 -10.31 -32.95
N ALA D 100 -25.80 -10.91 -31.78
CA ALA D 100 -24.79 -10.39 -30.85
C ALA D 100 -23.39 -10.35 -31.49
N ILE D 101 -23.03 -11.40 -32.24
CA ILE D 101 -21.75 -11.42 -32.93
C ILE D 101 -21.73 -10.42 -34.08
N LYS D 102 -22.84 -10.30 -34.82
CA LYS D 102 -22.97 -9.29 -35.88
C LYS D 102 -22.77 -7.87 -35.32
N ASN D 103 -23.51 -7.54 -34.27
CA ASN D 103 -23.37 -6.24 -33.62
C ASN D 103 -21.97 -5.94 -33.12
N SER D 104 -21.27 -6.94 -32.58
CA SER D 104 -19.89 -6.74 -32.13
C SER D 104 -19.01 -6.23 -33.25
N LEU D 105 -19.18 -6.77 -34.45
CA LEU D 105 -18.42 -6.31 -35.60
C LEU D 105 -18.82 -4.92 -36.05
N LEU D 106 -20.13 -4.64 -35.99
N LEU D 106 -20.12 -4.62 -36.01
CA LEU D 106 -20.67 -3.37 -36.44
CA LEU D 106 -20.59 -3.32 -36.48
C LEU D 106 -20.30 -2.21 -35.52
C LEU D 106 -20.31 -2.17 -35.50
N ARG D 107 -20.13 -2.51 -34.22
CA ARG D 107 -19.66 -1.54 -33.20
C ARG D 107 -18.25 -1.08 -33.52
N ARG D 108 -17.46 -2.02 -34.04
CA ARG D 108 -16.07 -1.82 -34.39
C ARG D 108 -15.94 -1.20 -35.76
N GLY D 109 -17.08 -0.96 -36.40
CA GLY D 109 -17.13 -0.32 -37.71
C GLY D 109 -16.71 -1.25 -38.82
N ILE D 110 -16.91 -2.56 -38.64
CA ILE D 110 -16.64 -3.54 -39.70
C ILE D 110 -17.97 -3.85 -40.37
N LYS D 111 -18.07 -3.52 -41.65
CA LYS D 111 -19.36 -3.53 -42.37
C LYS D 111 -19.26 -4.16 -43.77
N GLU D 112 -18.07 -4.03 -44.34
CA GLU D 112 -17.79 -4.22 -45.78
C GLU D 112 -18.35 -5.50 -46.44
N GLY D 113 -17.95 -6.66 -45.89
CA GLY D 113 -18.06 -7.97 -46.54
C GLY D 113 -16.66 -8.45 -46.88
N ASP D 114 -15.83 -7.50 -47.29
CA ASP D 114 -14.41 -7.69 -47.59
C ASP D 114 -13.70 -8.26 -46.37
N GLY D 115 -14.02 -7.68 -45.20
CA GLY D 115 -13.55 -8.13 -43.90
C GLY D 115 -14.67 -8.47 -42.92
N LEU D 116 -15.92 -8.12 -43.24
CA LEU D 116 -17.08 -8.48 -42.41
C LEU D 116 -17.44 -9.96 -42.58
N ASN D 117 -17.77 -10.37 -43.80
CA ASN D 117 -18.09 -11.76 -44.04
C ASN D 117 -16.85 -12.65 -43.90
N SER D 118 -15.69 -12.05 -44.15
CA SER D 118 -14.41 -12.70 -43.91
C SER D 118 -14.21 -13.02 -42.42
N ARG D 119 -14.52 -12.06 -41.53
CA ARG D 119 -14.44 -12.28 -40.08
C ARG D 119 -15.49 -13.26 -39.59
N LEU D 120 -16.73 -13.12 -40.07
CA LEU D 120 -17.80 -14.07 -39.75
C LEU D 120 -17.40 -15.51 -40.08
N LYS D 121 -16.66 -15.68 -41.17
CA LYS D 121 -16.17 -17.00 -41.57
C LYS D 121 -15.09 -17.55 -40.63
N LEU D 122 -14.17 -16.69 -40.21
CA LEU D 122 -13.22 -16.98 -39.14
C LEU D 122 -13.92 -17.42 -37.83
N TYR D 123 -14.95 -16.67 -37.44
CA TYR D 123 -15.67 -16.94 -36.21
C TYR D 123 -16.40 -18.28 -36.26
N GLU D 124 -16.82 -18.65 -37.47
CA GLU D 124 -17.48 -19.91 -37.68
C GLU D 124 -16.50 -21.05 -37.44
N SER D 125 -15.32 -21.01 -38.08
CA SER D 125 -14.32 -22.05 -37.85
C SER D 125 -13.78 -22.02 -36.42
N PHE D 126 -13.66 -20.83 -35.84
CA PHE D 126 -13.26 -20.66 -34.45
C PHE D 126 -14.21 -21.45 -33.51
N GLN D 127 -15.50 -21.26 -33.72
CA GLN D 127 -16.50 -21.92 -32.90
C GLN D 127 -16.68 -23.39 -33.23
N LYS D 128 -16.59 -23.75 -34.51
CA LYS D 128 -16.88 -25.13 -34.92
C LYS D 128 -15.69 -26.05 -34.71
N GLU D 129 -14.51 -25.57 -35.06
N GLU D 129 -14.52 -25.62 -35.17
CA GLU D 129 -13.32 -26.39 -35.07
CA GLU D 129 -13.29 -26.42 -35.03
C GLU D 129 -12.34 -26.07 -33.93
C GLU D 129 -12.49 -26.04 -33.80
N ASP D 130 -12.00 -24.79 -33.75
CA ASP D 130 -11.02 -24.40 -32.72
C ASP D 130 -11.44 -24.71 -31.31
N MSE D 131 -12.68 -24.34 -30.98
CA MSE D 131 -13.20 -24.48 -29.61
C MSE D 131 -14.29 -25.54 -29.49
O MSE D 131 -14.70 -25.88 -28.37
CB MSE D 131 -13.77 -23.16 -29.11
CG MSE D 131 -12.72 -22.06 -28.86
SE MSE D 131 -12.98 -21.10 -27.18
CE MSE D 131 -12.50 -22.63 -26.09
N ASP D 132 -14.76 -26.03 -30.65
CA ASP D 132 -15.73 -27.12 -30.74
C ASP D 132 -17.00 -26.84 -29.93
N MSE D 133 -17.63 -25.69 -30.17
CA MSE D 133 -18.77 -25.29 -29.33
C MSE D 133 -19.99 -24.71 -30.06
O MSE D 133 -21.00 -24.51 -29.41
CB MSE D 133 -18.33 -24.28 -28.26
CG MSE D 133 -17.85 -22.97 -28.88
SE MSE D 133 -17.14 -21.80 -27.53
CE MSE D 133 -16.69 -20.38 -28.68
N ALA D 134 -19.89 -24.48 -31.38
CA ALA D 134 -20.97 -23.82 -32.14
C ALA D 134 -22.37 -24.43 -32.01
N ASP D 135 -22.41 -25.75 -31.88
CA ASP D 135 -23.68 -26.47 -31.74
C ASP D 135 -23.86 -27.06 -30.36
N ASN D 136 -23.22 -26.44 -29.37
CA ASN D 136 -23.29 -26.89 -27.99
C ASN D 136 -23.59 -25.67 -27.16
N PRO D 137 -24.89 -25.32 -27.00
CA PRO D 137 -25.25 -24.10 -26.27
C PRO D 137 -24.68 -23.98 -24.85
N ARG D 138 -24.50 -25.07 -24.13
CA ARG D 138 -23.92 -24.94 -22.81
C ARG D 138 -22.43 -24.56 -22.87
N ALA D 139 -21.70 -25.11 -23.83
CA ALA D 139 -20.31 -24.69 -24.06
C ALA D 139 -20.20 -23.21 -24.49
N LEU D 140 -21.14 -22.76 -25.30
CA LEU D 140 -21.17 -21.37 -25.76
C LEU D 140 -21.50 -20.43 -24.60
N PHE D 141 -22.36 -20.88 -23.71
CA PHE D 141 -22.62 -20.14 -22.48
C PHE D 141 -21.40 -20.11 -21.57
N ASP D 142 -20.71 -21.23 -21.41
CA ASP D 142 -19.55 -21.27 -20.55
C ASP D 142 -18.40 -20.40 -21.11
N TRP D 143 -18.35 -20.26 -22.43
CA TRP D 143 -17.44 -19.35 -23.13
C TRP D 143 -17.67 -17.86 -22.82
N THR D 144 -18.90 -17.38 -22.95
CA THR D 144 -19.20 -16.01 -22.52
C THR D 144 -19.02 -15.85 -21.01
N ALA D 145 -19.37 -16.88 -20.25
CA ALA D 145 -19.15 -16.84 -18.80
C ALA D 145 -17.65 -16.68 -18.48
N LYS D 146 -16.78 -17.39 -19.20
CA LYS D 146 -15.31 -17.22 -19.04
C LYS D 146 -14.91 -15.77 -19.16
N GLN D 147 -15.45 -15.05 -20.12
CA GLN D 147 -15.05 -13.69 -20.29
C GLN D 147 -15.32 -12.89 -19.03
N THR D 148 -16.46 -13.12 -18.38
CA THR D 148 -16.82 -12.32 -17.17
C THR D 148 -15.82 -12.51 -16.02
N TYR D 149 -15.08 -13.62 -16.02
CA TYR D 149 -14.03 -13.86 -15.01
C TYR D 149 -12.84 -12.91 -15.18
N ILE D 150 -12.60 -12.45 -16.40
CA ILE D 150 -11.60 -11.41 -16.65
C ILE D 150 -12.05 -10.16 -15.94
N ALA D 151 -13.33 -9.84 -16.11
CA ALA D 151 -13.92 -8.64 -15.51
C ALA D 151 -13.93 -8.78 -13.98
N LEU D 152 -14.15 -10.01 -13.49
CA LEU D 152 -14.16 -10.30 -12.08
C LEU D 152 -12.77 -10.02 -11.51
N GLY D 153 -11.73 -10.48 -12.20
CA GLY D 153 -10.34 -10.22 -11.77
C GLY D 153 -10.06 -8.74 -11.73
N ASN D 154 -10.40 -8.03 -12.81
CA ASN D 154 -10.17 -6.60 -12.86
C ASN D 154 -10.90 -5.82 -11.77
N MSE D 155 -12.16 -6.13 -11.57
CA MSE D 155 -12.92 -5.55 -10.46
C MSE D 155 -12.26 -5.76 -9.10
O MSE D 155 -12.17 -4.81 -8.31
CB MSE D 155 -14.36 -6.07 -10.44
CG MSE D 155 -15.24 -5.32 -11.43
SE MSE D 155 -17.14 -5.65 -11.17
CE MSE D 155 -17.22 -7.51 -11.76
N MSE D 156 -11.82 -6.99 -8.82
CA MSE D 156 -11.25 -7.29 -7.53
C MSE D 156 -9.90 -6.61 -7.32
O MSE D 156 -9.61 -6.12 -6.22
CB MSE D 156 -11.11 -8.80 -7.33
CG MSE D 156 -12.45 -9.51 -7.06
SE MSE D 156 -12.10 -11.36 -6.62
CE MSE D 156 -11.49 -11.92 -8.33
N MSE D 157 -9.08 -6.55 -8.36
CA MSE D 157 -7.78 -5.87 -8.29
C MSE D 157 -7.96 -4.36 -8.14
O MSE D 157 -7.26 -3.73 -7.35
CB MSE D 157 -6.91 -6.20 -9.51
CG MSE D 157 -5.63 -5.31 -9.60
SE MSE D 157 -4.30 -5.72 -8.20
CE MSE D 157 -3.58 -7.22 -9.20
N THR D 158 -8.89 -3.77 -8.89
CA THR D 158 -9.25 -2.36 -8.76
C THR D 158 -9.64 -2.08 -7.31
N ALA D 159 -10.50 -2.94 -6.76
CA ALA D 159 -10.98 -2.84 -5.36
C ALA D 159 -9.84 -2.88 -4.36
N ALA D 160 -9.01 -3.92 -4.45
CA ALA D 160 -7.82 -4.08 -3.62
C ALA D 160 -6.93 -2.84 -3.63
N LEU D 161 -6.64 -2.29 -4.81
CA LEU D 161 -5.86 -1.06 -4.93
C LEU D 161 -6.48 0.13 -4.19
N LEU D 162 -7.81 0.15 -4.08
CA LEU D 162 -8.54 1.21 -3.37
C LEU D 162 -8.75 0.90 -1.87
N GLY D 163 -8.32 -0.27 -1.42
CA GLY D 163 -8.50 -0.66 -0.03
C GLY D 163 -9.82 -1.35 0.27
N ILE D 164 -10.49 -1.78 -0.79
CA ILE D 164 -11.84 -2.35 -0.71
C ILE D 164 -11.76 -3.88 -0.79
N ASP D 165 -12.44 -4.54 0.15
CA ASP D 165 -12.44 -5.99 0.23
C ASP D 165 -13.54 -6.55 -0.68
N THR D 166 -13.34 -7.79 -1.11
CA THR D 166 -14.27 -8.47 -2.03
C THR D 166 -14.31 -9.96 -1.71
N CYS D 167 -15.28 -10.63 -2.30
CA CYS D 167 -15.35 -12.07 -2.33
C CYS D 167 -16.00 -12.49 -3.66
N PRO D 168 -15.26 -13.24 -4.51
CA PRO D 168 -15.87 -13.84 -5.71
C PRO D 168 -16.72 -15.05 -5.30
N ILE D 169 -17.90 -15.21 -5.89
CA ILE D 169 -18.85 -16.19 -5.38
C ILE D 169 -19.45 -17.02 -6.55
N GLU D 170 -19.35 -18.34 -6.39
CA GLU D 170 -20.03 -19.35 -7.24
C GLU D 170 -20.89 -20.31 -6.38
N GLY D 171 -20.84 -20.14 -5.07
CA GLY D 171 -21.44 -21.07 -4.12
C GLY D 171 -22.92 -20.88 -3.96
N PHE D 172 -23.65 -21.08 -5.06
CA PHE D 172 -25.10 -21.01 -5.04
C PHE D 172 -25.70 -21.95 -6.10
N HIS D 173 -26.98 -22.24 -5.98
CA HIS D 173 -27.65 -23.09 -6.95
C HIS D 173 -28.00 -22.21 -8.16
N TYR D 174 -27.28 -22.41 -9.26
CA TYR D 174 -27.40 -21.51 -10.41
C TYR D 174 -28.80 -21.53 -10.99
N ASP D 175 -29.38 -22.71 -11.17
CA ASP D 175 -30.73 -22.80 -11.69
C ASP D 175 -31.74 -22.01 -10.84
N LYS D 176 -31.73 -22.23 -9.53
CA LYS D 176 -32.59 -21.48 -8.61
C LYS D 176 -32.45 -19.94 -8.59
N VAL D 177 -31.22 -19.44 -8.60
CA VAL D 177 -30.96 -18.01 -8.59
C VAL D 177 -31.37 -17.38 -9.95
N ASN D 178 -31.04 -18.07 -11.06
CA ASN D 178 -31.46 -17.64 -12.39
C ASN D 178 -32.96 -17.42 -12.44
N HIS D 179 -33.72 -18.31 -11.81
CA HIS D 179 -35.18 -18.21 -11.85
C HIS D 179 -35.73 -17.11 -10.96
N ILE D 180 -35.16 -16.93 -9.75
CA ILE D 180 -35.44 -15.75 -8.91
C ILE D 180 -35.14 -14.44 -9.63
N LEU D 181 -33.96 -14.32 -10.24
CA LEU D 181 -33.63 -13.15 -11.06
C LEU D 181 -34.56 -12.94 -12.24
N ALA D 182 -34.91 -14.01 -12.94
CA ALA D 182 -35.89 -13.94 -14.04
C ALA D 182 -37.27 -13.48 -13.54
N LYS D 183 -37.73 -14.08 -12.43
CA LYS D 183 -39.01 -13.77 -11.82
C LYS D 183 -39.10 -12.27 -11.49
N HIS D 184 -37.99 -11.70 -11.03
CA HIS D 184 -37.93 -10.26 -10.74
C HIS D 184 -37.51 -9.41 -11.89
N ASN D 185 -37.40 -9.99 -13.09
CA ASN D 185 -37.08 -9.27 -14.33
C ASN D 185 -35.68 -8.61 -14.30
N VAL D 186 -34.78 -9.21 -13.52
CA VAL D 186 -33.40 -8.75 -13.46
C VAL D 186 -32.63 -9.30 -14.66
N ILE D 187 -32.99 -10.50 -15.11
CA ILE D 187 -32.43 -11.09 -16.32
C ILE D 187 -33.58 -11.60 -17.20
N ASP D 188 -33.30 -11.73 -18.49
CA ASP D 188 -34.14 -12.48 -19.40
C ASP D 188 -33.45 -13.84 -19.56
N LEU D 189 -34.02 -14.87 -18.96
CA LEU D 189 -33.37 -16.18 -18.86
C LEU D 189 -33.26 -16.88 -20.23
N GLU D 190 -34.03 -16.41 -21.21
CA GLU D 190 -33.89 -16.97 -22.55
C GLU D 190 -32.64 -16.41 -23.26
N LYS D 191 -32.13 -15.26 -22.79
CA LYS D 191 -31.06 -14.56 -23.46
C LYS D 191 -29.73 -14.58 -22.71
N GLU D 192 -29.78 -14.92 -21.43
CA GLU D 192 -28.63 -14.73 -20.51
C GLU D 192 -28.81 -15.56 -19.24
N GLY D 193 -27.73 -15.66 -18.47
CA GLY D 193 -27.75 -16.35 -17.19
C GLY D 193 -26.61 -15.84 -16.33
N ILE D 194 -26.74 -16.03 -15.01
CA ILE D 194 -25.72 -15.59 -14.10
C ILE D 194 -24.43 -16.39 -14.30
N ALA D 195 -23.28 -15.69 -14.33
CA ALA D 195 -21.97 -16.35 -14.31
C ALA D 195 -21.43 -16.51 -12.88
N SER D 196 -21.59 -15.46 -12.08
CA SER D 196 -21.12 -15.46 -10.67
C SER D 196 -21.59 -14.21 -9.95
N MSE D 197 -21.15 -14.11 -8.69
CA MSE D 197 -21.44 -12.99 -7.82
C MSE D 197 -20.16 -12.43 -7.19
O MSE D 197 -19.18 -13.16 -6.99
CB MSE D 197 -22.38 -13.42 -6.71
CG MSE D 197 -23.68 -14.06 -7.17
SE MSE D 197 -24.87 -14.53 -5.68
CE MSE D 197 -23.84 -15.68 -4.61
N LEU D 198 -20.19 -11.16 -6.85
CA LEU D 198 -19.05 -10.52 -6.22
C LEU D 198 -19.58 -9.56 -5.16
N SER D 199 -19.18 -9.79 -3.91
CA SER D 199 -19.46 -8.83 -2.83
C SER D 199 -18.30 -7.86 -2.69
N LEU D 200 -18.61 -6.65 -2.27
CA LEU D 200 -17.62 -5.58 -2.04
C LEU D 200 -17.92 -4.89 -0.71
N GLY D 201 -16.88 -4.42 -0.04
CA GLY D 201 -17.03 -3.62 1.19
C GLY D 201 -15.73 -3.59 1.97
N TYR D 202 -15.83 -3.44 3.28
CA TYR D 202 -14.64 -3.33 4.12
C TYR D 202 -14.71 -4.44 5.16
N ARG D 203 -13.70 -5.30 5.20
CA ARG D 203 -13.71 -6.43 6.13
C ARG D 203 -14.03 -5.96 7.57
N LEU D 204 -14.82 -6.74 8.29
CA LEU D 204 -15.00 -6.45 9.71
C LEU D 204 -13.71 -6.69 10.52
N ARG D 205 -12.95 -7.73 10.14
CA ARG D 205 -11.81 -8.20 10.91
C ARG D 205 -10.78 -8.67 9.93
N ASP D 206 -9.50 -8.58 10.31
CA ASP D 206 -8.45 -9.23 9.54
C ASP D 206 -8.54 -10.72 9.77
N PRO D 207 -8.18 -11.53 8.75
CA PRO D 207 -7.99 -12.97 8.99
C PRO D 207 -6.72 -13.18 9.84
N LYS D 208 -6.73 -14.23 10.66
CA LYS D 208 -5.50 -14.58 11.38
C LYS D 208 -4.72 -15.58 10.51
N HIS D 209 -5.47 -16.55 9.96
N HIS D 209 -5.46 -16.56 9.99
CA HIS D 209 -4.97 -17.52 8.97
CA HIS D 209 -5.03 -17.48 8.95
C HIS D 209 -4.45 -16.79 7.72
C HIS D 209 -4.42 -16.72 7.76
N ALA D 210 -3.19 -17.06 7.39
CA ALA D 210 -2.53 -16.42 6.24
C ALA D 210 -2.95 -17.05 4.91
N GLN D 211 -2.76 -16.27 3.85
CA GLN D 211 -3.03 -16.68 2.47
C GLN D 211 -2.29 -18.00 2.18
N VAL D 212 -3.02 -19.04 1.76
CA VAL D 212 -2.38 -20.28 1.32
C VAL D 212 -2.48 -20.51 -0.19
N ARG D 213 -1.35 -20.86 -0.78
CA ARG D 213 -1.29 -21.22 -2.18
C ARG D 213 -0.40 -22.45 -2.32
N LYS D 214 -0.50 -23.16 -3.43
CA LYS D 214 0.46 -24.19 -3.80
C LYS D 214 1.87 -23.58 -3.85
N PRO D 215 2.93 -24.42 -3.70
CA PRO D 215 4.27 -23.88 -3.92
C PRO D 215 4.33 -23.26 -5.32
N LYS D 216 4.93 -22.06 -5.44
CA LYS D 216 5.15 -21.39 -6.75
C LYS D 216 5.50 -22.34 -7.89
N GLU D 217 6.37 -23.31 -7.62
CA GLU D 217 6.89 -24.24 -8.64
C GLU D 217 5.88 -25.24 -9.16
N GLU D 218 4.77 -25.40 -8.45
CA GLU D 218 3.69 -26.28 -8.90
C GLU D 218 2.75 -25.53 -9.81
N VAL D 219 2.95 -24.22 -9.94
CA VAL D 219 1.99 -23.39 -10.64
C VAL D 219 2.67 -22.67 -11.80
N MSE D 220 3.84 -22.10 -11.56
CA MSE D 220 4.55 -21.38 -12.62
C MSE D 220 5.82 -22.12 -13.09
O MSE D 220 6.45 -22.84 -12.32
CB MSE D 220 4.83 -19.93 -12.20
CG MSE D 220 5.92 -19.75 -11.15
SE MSE D 220 6.18 -17.90 -10.58
CE MSE D 220 4.42 -17.57 -9.79
N SER D 221 6.13 -22.00 -14.37
CA SER D 221 7.33 -22.60 -14.91
C SER D 221 7.74 -21.92 -16.23
N VAL D 222 8.94 -22.26 -16.67
CA VAL D 222 9.49 -21.77 -17.92
C VAL D 222 9.84 -22.96 -18.78
N VAL D 223 9.43 -22.92 -20.04
CA VAL D 223 9.91 -23.87 -21.05
C VAL D 223 10.95 -23.12 -21.90
N LYS D 224 12.23 -23.46 -21.69
CA LYS D 224 13.36 -22.72 -22.29
C LYS D 224 13.52 -23.04 -23.77
S SO4 E . 13.70 16.35 37.83
O1 SO4 E . 13.46 17.63 38.51
O2 SO4 E . 12.75 15.35 38.33
O3 SO4 E . 13.51 16.54 36.39
O4 SO4 E . 15.06 15.89 38.08
N1 FMN F . 4.41 27.92 15.20
C2 FMN F . 3.77 28.70 16.17
O2 FMN F . 2.95 29.57 15.84
N3 FMN F . 4.05 28.53 17.50
C4 FMN F . 4.96 27.60 17.95
O4 FMN F . 5.57 27.83 19.02
C4A FMN F . 5.61 26.79 17.01
N5 FMN F . 6.56 25.84 17.44
C5A FMN F . 7.20 24.99 16.54
C6 FMN F . 8.09 24.03 17.00
C7 FMN F . 8.75 23.18 16.12
C7M FMN F . 9.17 21.83 16.65
C8 FMN F . 8.50 23.32 14.74
C8M FMN F . 8.68 22.11 13.86
C9 FMN F . 7.62 24.30 14.27
C9A FMN F . 6.94 25.14 15.16
N10 FMN F . 6.02 26.11 14.71
C10 FMN F . 5.33 26.94 15.62
C1' FMN F . 5.93 26.39 13.24
C2' FMN F . 7.19 27.06 12.66
O2' FMN F . 7.24 28.45 12.97
C3' FMN F . 7.15 26.83 11.15
O3' FMN F . 7.30 25.45 10.96
C4' FMN F . 8.20 27.57 10.28
O4' FMN F . 7.95 28.97 10.27
C5' FMN F . 8.21 26.99 8.86
O5' FMN F . 7.03 27.31 8.11
P FMN F . 5.87 26.26 7.66
O1P FMN F . 4.55 26.95 7.78
O2P FMN F . 5.86 25.00 8.47
O3P FMN F . 6.08 25.88 6.25
S SO4 G . 7.26 32.12 15.41
O1 SO4 G . 7.93 33.37 15.87
O2 SO4 G . 7.55 31.07 16.48
O3 SO4 G . 5.69 32.40 15.26
O4 SO4 G . 7.86 31.63 13.99
S SO4 H . 14.52 -10.22 12.19
O1 SO4 H . 15.54 -9.17 12.38
O2 SO4 H . 15.11 -11.51 12.51
O3 SO4 H . 13.38 -9.98 13.08
O4 SO4 H . 14.08 -10.22 10.80
N1 FMN I . 17.99 -0.12 15.27
C2 FMN I . 19.29 -0.65 15.20
O2 FMN I . 19.48 -1.85 14.91
N3 FMN I . 20.39 0.18 15.45
C4 FMN I . 20.23 1.53 15.80
O4 FMN I . 21.18 2.23 16.18
C4A FMN I . 18.94 2.07 15.89
N5 FMN I . 18.80 3.41 16.24
C5A FMN I . 17.54 3.98 16.33
C6 FMN I . 17.43 5.33 16.65
C7 FMN I . 16.17 5.92 16.75
C7M FMN I . 16.10 7.43 16.86
C8 FMN I . 15.02 5.16 16.50
C8M FMN I . 13.73 5.85 16.19
C9 FMN I . 15.13 3.79 16.17
C9A FMN I . 16.40 3.19 16.07
N10 FMN I . 16.55 1.83 15.72
C10 FMN I . 17.83 1.25 15.63
C1' FMN I . 15.38 0.98 15.42
C2' FMN I . 14.65 0.59 16.71
O2' FMN I . 15.25 -0.55 17.32
C3' FMN I . 13.19 0.29 16.39
O3' FMN I . 12.59 1.42 15.78
C4' FMN I . 12.34 -0.14 17.57
O4' FMN I . 12.94 -1.27 18.16
C5' FMN I . 10.88 -0.42 17.13
O5' FMN I . 10.77 -1.45 16.13
P FMN I . 10.23 -1.20 14.63
O1P FMN I . 10.69 -2.33 13.76
O2P FMN I . 10.72 0.13 14.12
O3P FMN I . 8.76 -1.12 14.54
N1 FMN J . -6.93 -10.78 -29.88
C2 FMN J . -6.29 -11.38 -30.92
O2 FMN J . -5.70 -10.68 -31.76
N3 FMN J . -6.29 -12.76 -31.00
C4 FMN J . -6.96 -13.56 -30.06
O4 FMN J . -7.14 -14.77 -30.24
C4A FMN J . -7.62 -12.95 -29.01
N5 FMN J . -8.28 -13.73 -28.05
C5A FMN J . -8.91 -13.10 -26.98
C6 FMN J . -9.54 -13.87 -26.03
C7 FMN J . -10.18 -13.28 -24.94
C7M FMN J . -10.33 -14.16 -23.72
C8 FMN J . -10.19 -11.87 -24.83
C8M FMN J . -10.28 -11.27 -23.46
C9 FMN J . -9.56 -11.07 -25.79
C9A FMN J . -8.91 -11.69 -26.87
N10 FMN J . -8.26 -10.92 -27.84
C10 FMN J . -7.60 -11.55 -28.91
C1' FMN J . -8.46 -9.44 -27.92
C2' FMN J . -9.88 -8.91 -28.20
O2' FMN J . -10.15 -8.81 -29.60
C3' FMN J . -10.01 -7.53 -27.55
O3' FMN J . -9.81 -7.69 -26.17
C4' FMN J . -11.31 -6.77 -27.81
O4' FMN J . -11.42 -6.50 -29.20
C5' FMN J . -11.34 -5.47 -27.01
O5' FMN J . -10.37 -4.53 -27.45
P FMN J . -9.17 -3.99 -26.51
O1P FMN J . -8.02 -3.57 -27.41
O2P FMN J . -8.77 -5.08 -25.52
O3P FMN J . -9.62 -2.79 -25.73
S SO4 K . -11.73 -25.96 -24.80
O1 SO4 K . -11.24 -24.75 -24.13
O2 SO4 K . -10.72 -27.03 -24.80
O3 SO4 K . -12.95 -26.41 -24.10
O4 SO4 K . -12.04 -25.66 -26.20
S SO4 L . -19.22 -0.88 11.41
O1 SO4 L . -19.07 -0.03 10.23
O2 SO4 L . -17.94 -1.05 12.12
O3 SO4 L . -20.21 -0.26 12.32
O4 SO4 L . -19.72 -2.21 11.05
N1 FMN M . -15.73 -17.92 -1.11
C2 FMN M . -16.91 -18.16 -0.42
O2 FMN M . -16.94 -18.02 0.81
N3 FMN M . -18.07 -18.52 -1.09
C4 FMN M . -18.06 -18.70 -2.48
O4 FMN M . -18.95 -19.31 -3.05
C4A FMN M . -16.90 -18.48 -3.20
N5 FMN M . -16.92 -18.67 -4.58
C5A FMN M . -15.74 -18.41 -5.31
C6 FMN M . -15.70 -18.55 -6.69
C7 FMN M . -14.55 -18.30 -7.44
C7M FMN M . -14.68 -18.03 -8.94
C8 FMN M . -13.38 -17.93 -6.75
C8M FMN M . -12.26 -17.21 -7.44
C9 FMN M . -13.41 -17.81 -5.37
C9A FMN M . -14.58 -18.03 -4.64
N10 FMN M . -14.57 -17.88 -3.25
C10 FMN M . -15.74 -18.09 -2.51
C1' FMN M . -13.29 -17.58 -2.50
C2' FMN M . -12.26 -18.72 -2.42
O2' FMN M . -12.57 -19.65 -1.40
C3' FMN M . -10.87 -18.10 -2.14
O3' FMN M . -10.54 -17.14 -3.13
C4' FMN M . -9.75 -19.13 -2.00
O4' FMN M . -10.01 -19.95 -0.87
C5' FMN M . -8.38 -18.44 -1.87
O5' FMN M . -8.33 -17.66 -0.70
P FMN M . -8.03 -16.09 -0.76
O1P FMN M . -8.52 -15.49 0.56
O2P FMN M . -8.74 -15.49 -1.93
O3P FMN M . -6.56 -15.85 -0.89
#